data_7MOS
#
_entry.id   7MOS
#
_cell.length_a   92.447
_cell.length_b   98.947
_cell.length_c   139.708
_cell.angle_alpha   90.000
_cell.angle_beta   90.000
_cell.angle_gamma   90.000
#
_symmetry.space_group_name_H-M   'P 21 21 21'
#
loop_
_entity.id
_entity.type
_entity.pdbx_description
1 polymer 'Histone deacetylase 2'
2 non-polymer 'ZINC ION'
3 non-polymer 'SULFATE ION'
4 non-polymer 'CALCIUM ION'
5 non-polymer DI(HYDROXYETHYL)ETHER
6 non-polymer (3S,18S,20aR)-18-(6,6-dihydroxyoctyl)-1,5,6,7,8,18,19,20a-octahydro-4H-14,17-epiminoazeto[1,2-g][1,7,10,13]benzoxatriazacycloheptadecin-20(2H)-one
7 water water
#
_entity_poly.entity_id   1
_entity_poly.type   'polypeptide(L)'
_entity_poly.pdbx_seq_one_letter_code
;MAYSQGGGKKKVCYYYDGDIGNYYYGQGHPMKPHRIRMTHNLLLNYGLYRKMEIYRPHKATAEEMTKYHSDEYIKFLRSI
RPDNMSEYSKQMQRFNVGEDCPVFDGLFEFCQLSTGGSVAGAVKLNRQQTDMAVNWAGGLHHAKKSEASGFCYVNDIVLA
ILELLKYHQRVLYIDIDIHHGDGVEEAFYTTDRVMTVSFHKYGEYFPGTGDLRDIGAGKGKYYAVNFPMRDGIDDESYGQ
IFKPIISKVMEMYQPSAVVLQCGADSLSGDRLGCFNLTVKGHAKCVEVVKTFNLPLLMLGGGGYTIRNVARCWTYETAVA
LDCEIPNELPYNDYFEYFGPDFKLHISPSNMTNQNTPEYMEKIKQRLFENLRMLPH
;
_entity_poly.pdbx_strand_id   A,B,C
#
# COMPACT_ATOMS: atom_id res chain seq x y z
N GLY A 8 2.64 36.89 12.21
CA GLY A 8 1.30 37.23 12.65
C GLY A 8 0.33 37.41 11.50
N LYS A 9 -0.56 38.40 11.60
CA LYS A 9 -1.54 38.71 10.56
C LYS A 9 -0.86 39.32 9.33
N LYS A 10 -1.46 39.13 8.16
CA LYS A 10 -0.85 39.58 6.91
C LYS A 10 -1.70 40.55 6.08
N LYS A 11 -1.03 41.27 5.18
CA LYS A 11 -1.71 42.18 4.28
C LYS A 11 -2.28 41.28 3.15
N VAL A 12 -3.56 41.43 2.83
CA VAL A 12 -4.19 40.64 1.77
C VAL A 12 -4.74 41.56 0.70
N CYS A 13 -4.38 41.32 -0.56
CA CYS A 13 -4.88 42.06 -1.71
C CYS A 13 -5.76 41.11 -2.50
N TYR A 14 -6.94 41.56 -2.85
CA TYR A 14 -7.96 40.74 -3.49
C TYR A 14 -8.34 41.33 -4.84
N TYR A 15 -8.39 40.48 -5.89
CA TYR A 15 -8.66 40.90 -7.26
C TYR A 15 -10.01 40.45 -7.72
N TYR A 16 -10.82 41.37 -8.22
CA TYR A 16 -12.17 41.03 -8.66
C TYR A 16 -12.70 42.06 -9.66
N ASP A 17 -13.38 41.57 -10.68
CA ASP A 17 -14.03 42.47 -11.64
C ASP A 17 -15.51 42.13 -11.58
N GLY A 18 -16.36 43.13 -11.30
CA GLY A 18 -17.81 42.99 -11.21
C GLY A 18 -18.50 42.42 -12.44
N ASP A 19 -17.83 42.40 -13.59
CA ASP A 19 -18.41 41.82 -14.81
C ASP A 19 -18.17 40.32 -14.94
N ILE A 20 -17.22 39.76 -14.18
CA ILE A 20 -16.86 38.35 -14.29
C ILE A 20 -18.06 37.39 -14.20
N GLY A 21 -19.01 37.66 -13.32
CA GLY A 21 -20.17 36.80 -13.13
C GLY A 21 -21.15 36.73 -14.28
N ASN A 22 -21.01 37.64 -15.27
CA ASN A 22 -21.90 37.69 -16.43
C ASN A 22 -21.49 36.77 -17.58
N TYR A 23 -20.25 36.25 -17.57
CA TYR A 23 -19.78 35.35 -18.64
C TYR A 23 -20.50 34.02 -18.49
N TYR A 24 -20.98 33.47 -19.61
CA TYR A 24 -21.79 32.27 -19.58
C TYR A 24 -21.28 31.25 -20.56
N TYR A 25 -20.88 30.08 -20.03
CA TYR A 25 -20.36 29.01 -20.87
C TYR A 25 -21.45 28.35 -21.73
N GLY A 26 -22.73 28.52 -21.38
CA GLY A 26 -23.81 27.93 -22.16
C GLY A 26 -24.67 26.98 -21.36
N GLN A 27 -25.89 26.74 -21.82
CA GLN A 27 -26.83 25.84 -21.15
C GLN A 27 -26.24 24.44 -20.97
N GLY A 28 -26.32 23.93 -19.76
CA GLY A 28 -25.81 22.61 -19.45
C GLY A 28 -24.34 22.55 -19.06
N HIS A 29 -23.55 23.60 -19.35
CA HIS A 29 -22.13 23.59 -18.98
C HIS A 29 -21.97 23.82 -17.48
N PRO A 30 -21.21 22.93 -16.78
CA PRO A 30 -21.09 23.07 -15.32
C PRO A 30 -20.25 24.24 -14.82
N MET A 31 -19.40 24.83 -15.67
CA MET A 31 -18.56 25.96 -15.23
C MET A 31 -19.40 27.22 -15.21
N LYS A 32 -19.59 27.79 -14.02
CA LYS A 32 -20.44 28.96 -13.81
C LYS A 32 -19.68 30.13 -13.23
N PRO A 33 -19.23 31.07 -14.06
CA PRO A 33 -18.52 32.25 -13.54
C PRO A 33 -19.31 33.04 -12.50
N HIS A 34 -20.64 32.88 -12.48
CA HIS A 34 -21.50 33.52 -11.49
C HIS A 34 -21.08 33.15 -10.05
N ARG A 35 -20.47 31.95 -9.85
CA ARG A 35 -20.00 31.55 -8.51
C ARG A 35 -18.94 32.53 -7.94
N ILE A 36 -18.17 33.23 -8.82
N ILE A 36 -18.16 33.22 -8.80
CA ILE A 36 -17.17 34.23 -8.40
CA ILE A 36 -17.17 34.20 -8.31
C ILE A 36 -17.92 35.44 -7.80
C ILE A 36 -17.93 35.44 -7.77
N ARG A 37 -19.04 35.84 -8.42
CA ARG A 37 -19.87 36.94 -7.95
C ARG A 37 -20.56 36.53 -6.61
N MET A 38 -21.02 35.27 -6.50
CA MET A 38 -21.64 34.81 -5.26
C MET A 38 -20.59 34.86 -4.11
N THR A 39 -19.34 34.45 -4.40
CA THR A 39 -18.28 34.46 -3.40
C THR A 39 -18.05 35.91 -2.91
N HIS A 40 -17.88 36.83 -3.87
CA HIS A 40 -17.67 38.23 -3.61
C HIS A 40 -18.79 38.82 -2.76
N ASN A 41 -20.05 38.56 -3.14
CA ASN A 41 -21.18 39.11 -2.41
C ASN A 41 -21.26 38.57 -0.99
N LEU A 42 -20.95 37.28 -0.82
CA LEU A 42 -20.99 36.67 0.50
C LEU A 42 -19.88 37.26 1.38
N LEU A 43 -18.66 37.40 0.83
CA LEU A 43 -17.57 37.92 1.65
C LEU A 43 -17.79 39.43 1.98
N LEU A 44 -18.43 40.20 1.08
CA LEU A 44 -18.76 41.59 1.35
C LEU A 44 -19.77 41.65 2.48
N ASN A 45 -20.80 40.76 2.47
CA ASN A 45 -21.81 40.76 3.50
C ASN A 45 -21.28 40.27 4.88
N TYR A 46 -20.16 39.55 4.90
CA TYR A 46 -19.53 39.14 6.17
C TYR A 46 -18.61 40.30 6.70
N GLY A 47 -18.42 41.37 5.92
CA GLY A 47 -17.57 42.49 6.30
C GLY A 47 -16.09 42.27 6.00
N LEU A 48 -15.75 41.24 5.19
CA LEU A 48 -14.35 40.93 4.91
C LEU A 48 -13.60 41.98 4.03
N TYR A 49 -14.32 42.98 3.49
CA TYR A 49 -13.70 44.07 2.72
C TYR A 49 -12.98 45.07 3.65
N ARG A 50 -13.35 45.14 4.93
CA ARG A 50 -12.75 46.11 5.86
C ARG A 50 -11.27 45.91 6.10
N LYS A 51 -10.78 44.68 5.91
CA LYS A 51 -9.38 44.36 6.14
C LYS A 51 -8.61 44.03 4.86
N MET A 52 -9.24 44.09 3.68
CA MET A 52 -8.55 43.77 2.43
C MET A 52 -8.44 44.91 1.47
N GLU A 53 -7.35 44.96 0.69
CA GLU A 53 -7.23 45.98 -0.35
C GLU A 53 -7.89 45.31 -1.57
N ILE A 54 -8.98 45.87 -2.08
CA ILE A 54 -9.70 45.27 -3.21
C ILE A 54 -9.30 46.00 -4.48
N TYR A 55 -8.85 45.26 -5.50
CA TYR A 55 -8.42 45.80 -6.78
C TYR A 55 -9.22 45.19 -7.93
N ARG A 56 -9.41 45.96 -9.00
CA ARG A 56 -10.08 45.47 -10.20
C ARG A 56 -8.93 45.19 -11.15
N PRO A 57 -8.77 43.94 -11.57
CA PRO A 57 -7.64 43.62 -12.45
C PRO A 57 -7.76 44.24 -13.82
N HIS A 58 -6.62 44.54 -14.43
CA HIS A 58 -6.61 45.05 -15.79
C HIS A 58 -6.95 43.87 -16.74
N LYS A 59 -7.31 44.17 -17.98
CA LYS A 59 -7.58 43.11 -18.96
C LYS A 59 -6.22 42.74 -19.54
N ALA A 60 -5.70 41.55 -19.20
CA ALA A 60 -4.39 41.09 -19.69
C ALA A 60 -4.32 41.14 -21.22
N THR A 61 -3.23 41.67 -21.76
CA THR A 61 -3.13 41.79 -23.22
C THR A 61 -2.75 40.48 -23.87
N ALA A 62 -3.03 40.34 -25.19
CA ALA A 62 -2.64 39.15 -25.97
C ALA A 62 -1.13 38.93 -25.83
N GLU A 63 -0.36 40.03 -25.80
CA GLU A 63 1.08 40.06 -25.61
C GLU A 63 1.49 39.48 -24.24
N GLU A 64 0.77 39.83 -23.15
CA GLU A 64 1.06 39.27 -21.83
C GLU A 64 0.81 37.74 -21.87
N MET A 65 -0.27 37.31 -22.53
CA MET A 65 -0.62 35.91 -22.64
C MET A 65 0.40 35.12 -23.47
N THR A 66 1.04 35.77 -24.46
CA THR A 66 2.01 35.07 -25.29
C THR A 66 3.37 34.89 -24.61
N LYS A 67 3.52 35.32 -23.34
CA LYS A 67 4.75 35.01 -22.61
C LYS A 67 4.79 33.44 -22.40
N TYR A 68 3.64 32.76 -22.52
CA TYR A 68 3.55 31.31 -22.44
C TYR A 68 2.88 30.74 -23.69
N HIS A 69 1.63 31.15 -24.00
CA HIS A 69 0.89 30.61 -25.12
C HIS A 69 1.42 31.01 -26.49
N SER A 70 1.13 30.19 -27.52
CA SER A 70 1.61 30.51 -28.86
C SER A 70 0.86 31.72 -29.42
N ASP A 71 1.49 32.48 -30.33
CA ASP A 71 0.84 33.63 -30.95
C ASP A 71 -0.39 33.21 -31.72
N GLU A 72 -0.33 32.08 -32.44
CA GLU A 72 -1.47 31.60 -33.21
C GLU A 72 -2.66 31.24 -32.33
N TYR A 73 -2.40 30.64 -31.17
CA TYR A 73 -3.48 30.26 -30.27
C TYR A 73 -4.14 31.50 -29.67
N ILE A 74 -3.35 32.46 -29.20
CA ILE A 74 -3.91 33.68 -28.62
C ILE A 74 -4.63 34.51 -29.69
N LYS A 75 -4.11 34.50 -30.95
CA LYS A 75 -4.79 35.22 -32.05
C LYS A 75 -6.16 34.61 -32.30
N PHE A 76 -6.25 33.27 -32.25
CA PHE A 76 -7.50 32.55 -32.45
C PHE A 76 -8.49 32.93 -31.34
N LEU A 77 -8.03 32.91 -30.07
CA LEU A 77 -8.92 33.23 -28.94
C LEU A 77 -9.49 34.66 -29.04
N ARG A 78 -8.67 35.59 -29.49
CA ARG A 78 -9.03 36.99 -29.65
C ARG A 78 -9.98 37.24 -30.85
N SER A 79 -10.05 36.29 -31.80
CA SER A 79 -10.85 36.41 -33.03
C SER A 79 -12.15 35.63 -33.07
N ILE A 80 -12.20 34.45 -32.45
CA ILE A 80 -13.40 33.61 -32.50
C ILE A 80 -14.56 34.14 -31.68
N ARG A 81 -15.79 34.01 -32.23
CA ARG A 81 -17.06 34.44 -31.63
C ARG A 81 -18.15 33.48 -32.07
N PRO A 82 -19.26 33.36 -31.33
CA PRO A 82 -20.36 32.48 -31.77
C PRO A 82 -20.88 32.81 -33.18
N ASP A 83 -20.80 34.08 -33.63
CA ASP A 83 -21.29 34.49 -34.96
C ASP A 83 -20.35 34.21 -36.12
N ASN A 84 -19.07 33.95 -35.84
CA ASN A 84 -18.11 33.66 -36.90
C ASN A 84 -17.50 32.25 -36.78
N MET A 85 -17.97 31.41 -35.82
CA MET A 85 -17.49 30.05 -35.55
C MET A 85 -17.39 29.20 -36.80
N SER A 86 -18.39 29.31 -37.72
CA SER A 86 -18.44 28.53 -38.95
C SER A 86 -17.20 28.67 -39.82
N GLU A 87 -16.52 29.82 -39.75
CA GLU A 87 -15.31 30.03 -40.55
C GLU A 87 -14.02 29.54 -39.85
N TYR A 88 -14.13 28.99 -38.64
CA TYR A 88 -12.99 28.55 -37.85
C TYR A 88 -13.05 27.08 -37.46
N SER A 89 -13.85 26.25 -38.15
CA SER A 89 -13.96 24.83 -37.83
C SER A 89 -12.61 24.10 -37.77
N LYS A 90 -11.66 24.48 -38.64
CA LYS A 90 -10.33 23.90 -38.67
C LYS A 90 -9.53 24.25 -37.39
N GLN A 91 -9.42 25.55 -37.09
CA GLN A 91 -8.71 26.02 -35.90
C GLN A 91 -9.36 25.54 -34.60
N MET A 92 -10.69 25.42 -34.56
CA MET A 92 -11.38 24.93 -33.37
C MET A 92 -10.92 23.50 -33.01
N GLN A 93 -10.74 22.64 -34.03
CA GLN A 93 -10.27 21.28 -33.79
C GLN A 93 -8.82 21.31 -33.33
N ARG A 94 -7.99 22.11 -33.98
CA ARG A 94 -6.58 22.23 -33.66
C ARG A 94 -6.33 22.72 -32.22
N PHE A 95 -7.17 23.64 -31.76
CA PHE A 95 -7.03 24.24 -30.42
C PHE A 95 -7.95 23.66 -29.35
N ASN A 96 -8.68 22.59 -29.68
CA ASN A 96 -9.57 21.89 -28.77
C ASN A 96 -10.71 22.75 -28.22
N VAL A 97 -11.28 23.59 -29.08
CA VAL A 97 -12.40 24.41 -28.70
C VAL A 97 -13.63 23.65 -29.19
N GLY A 98 -14.49 23.28 -28.25
CA GLY A 98 -15.68 22.48 -28.52
C GLY A 98 -16.53 22.32 -27.28
N GLU A 99 -16.95 21.10 -26.93
CA GLU A 99 -17.82 20.88 -25.79
C GLU A 99 -17.27 21.31 -24.44
N ASP A 100 -16.08 20.82 -24.02
CA ASP A 100 -15.55 21.23 -22.71
C ASP A 100 -15.21 22.71 -22.70
N CYS A 101 -14.62 23.20 -23.81
CA CYS A 101 -14.17 24.57 -23.94
C CYS A 101 -14.92 25.24 -25.08
N PRO A 102 -16.19 25.60 -24.85
CA PRO A 102 -16.97 26.19 -25.93
C PRO A 102 -16.65 27.63 -26.26
N VAL A 103 -17.14 28.05 -27.42
CA VAL A 103 -17.02 29.43 -27.86
C VAL A 103 -18.23 30.10 -27.23
N PHE A 104 -18.01 31.18 -26.48
CA PHE A 104 -19.10 31.91 -25.88
C PHE A 104 -18.88 33.40 -25.99
N ASP A 105 -19.95 34.18 -25.87
CA ASP A 105 -19.86 35.64 -25.98
C ASP A 105 -18.90 36.20 -24.92
N GLY A 106 -17.91 36.95 -25.35
CA GLY A 106 -16.96 37.55 -24.42
C GLY A 106 -15.88 36.60 -23.89
N LEU A 107 -15.67 35.46 -24.56
CA LEU A 107 -14.67 34.47 -24.17
C LEU A 107 -13.30 35.11 -23.92
N PHE A 108 -12.82 35.91 -24.87
CA PHE A 108 -11.51 36.52 -24.72
C PHE A 108 -11.45 37.47 -23.52
N GLU A 109 -12.50 38.29 -23.32
CA GLU A 109 -12.52 39.21 -22.17
C GLU A 109 -12.51 38.43 -20.86
N PHE A 110 -13.23 37.30 -20.80
CA PHE A 110 -13.22 36.43 -19.61
C PHE A 110 -11.77 35.96 -19.33
N CYS A 111 -11.07 35.52 -20.38
CA CYS A 111 -9.66 35.10 -20.23
C CYS A 111 -8.80 36.27 -19.73
N GLN A 112 -9.00 37.46 -20.29
CA GLN A 112 -8.23 38.65 -19.91
C GLN A 112 -8.41 39.03 -18.44
N LEU A 113 -9.63 38.90 -17.90
CA LEU A 113 -9.93 39.22 -16.50
C LEU A 113 -9.38 38.15 -15.56
N SER A 114 -9.55 36.86 -15.94
CA SER A 114 -9.03 35.74 -15.15
C SER A 114 -7.50 35.87 -15.04
N THR A 115 -6.83 36.11 -16.17
CA THR A 115 -5.38 36.24 -16.24
C THR A 115 -4.90 37.49 -15.56
N GLY A 116 -5.60 38.60 -15.79
CA GLY A 116 -5.25 39.89 -15.22
C GLY A 116 -5.16 39.84 -13.71
N GLY A 117 -6.09 39.16 -13.05
CA GLY A 117 -6.05 39.05 -11.60
C GLY A 117 -4.82 38.30 -11.11
N SER A 118 -4.48 37.19 -11.78
CA SER A 118 -3.34 36.37 -11.37
C SER A 118 -2.01 37.06 -11.58
N VAL A 119 -1.82 37.67 -12.75
N VAL A 119 -1.79 37.68 -12.76
CA VAL A 119 -0.58 38.38 -13.06
CA VAL A 119 -0.53 38.36 -13.01
C VAL A 119 -0.44 39.61 -12.17
C VAL A 119 -0.43 39.63 -12.17
N ALA A 120 -1.53 40.37 -11.95
CA ALA A 120 -1.48 41.58 -11.10
C ALA A 120 -1.12 41.19 -9.66
N GLY A 121 -1.68 40.07 -9.18
CA GLY A 121 -1.34 39.56 -7.85
C GLY A 121 0.13 39.19 -7.73
N ALA A 122 0.69 38.55 -8.76
CA ALA A 122 2.09 38.16 -8.82
C ALA A 122 2.99 39.41 -8.80
N VAL A 123 2.61 40.44 -9.57
CA VAL A 123 3.37 41.72 -9.60
C VAL A 123 3.38 42.36 -8.19
N LYS A 124 2.22 42.39 -7.52
CA LYS A 124 2.09 42.96 -6.17
C LYS A 124 2.99 42.20 -5.16
N LEU A 125 3.06 40.86 -5.26
CA LEU A 125 3.91 40.04 -4.42
C LEU A 125 5.39 40.33 -4.72
N ASN A 126 5.76 40.44 -5.99
CA ASN A 126 7.13 40.73 -6.44
C ASN A 126 7.61 42.09 -5.89
N ARG A 127 6.70 43.07 -5.86
CA ARG A 127 7.04 44.39 -5.33
C ARG A 127 7.04 44.46 -3.81
N GLN A 128 6.77 43.34 -3.12
CA GLN A 128 6.70 43.25 -1.68
C GLN A 128 5.68 44.22 -1.10
N GLN A 129 4.58 44.42 -1.82
CA GLN A 129 3.50 45.31 -1.40
C GLN A 129 2.34 44.57 -0.74
N THR A 130 2.41 43.24 -0.66
CA THR A 130 1.41 42.40 -0.01
C THR A 130 2.05 41.07 0.39
N ASP A 131 1.48 40.44 1.38
CA ASP A 131 1.93 39.14 1.85
C ASP A 131 1.12 38.06 1.06
N MET A 132 -0.17 38.33 0.80
CA MET A 132 -1.03 37.42 0.07
CA MET A 132 -1.02 37.41 0.08
C MET A 132 -1.82 38.14 -0.99
N ALA A 133 -2.03 37.50 -2.14
CA ALA A 133 -2.82 38.07 -3.23
C ALA A 133 -3.84 36.97 -3.57
N VAL A 134 -5.11 37.34 -3.74
CA VAL A 134 -6.19 36.37 -3.98
C VAL A 134 -6.89 36.70 -5.30
N ASN A 135 -7.08 35.68 -6.16
CA ASN A 135 -7.80 35.87 -7.42
C ASN A 135 -8.70 34.66 -7.59
N TRP A 136 -9.96 34.73 -7.10
CA TRP A 136 -10.83 33.57 -7.24
C TRP A 136 -11.23 33.26 -8.67
N ALA A 137 -11.08 34.22 -9.60
CA ALA A 137 -11.38 33.99 -11.01
C ALA A 137 -10.24 33.22 -11.76
N GLY A 138 -9.10 32.99 -11.10
CA GLY A 138 -7.99 32.30 -11.74
C GLY A 138 -7.95 30.82 -11.36
N GLY A 139 -6.80 30.21 -11.52
CA GLY A 139 -6.63 28.79 -11.20
C GLY A 139 -7.04 27.85 -12.33
N LEU A 140 -7.05 28.35 -13.57
CA LEU A 140 -7.48 27.55 -14.74
C LEU A 140 -6.32 26.69 -15.27
N HIS A 141 -6.00 25.67 -14.46
CA HIS A 141 -4.81 24.84 -14.59
C HIS A 141 -4.67 23.91 -15.77
N HIS A 142 -5.72 23.65 -16.56
CA HIS A 142 -5.59 22.69 -17.67
C HIS A 142 -5.11 23.28 -18.98
N ALA A 143 -5.21 24.62 -19.15
CA ALA A 143 -4.85 25.22 -20.43
C ALA A 143 -3.39 24.95 -20.81
N LYS A 144 -3.17 24.58 -22.08
CA LYS A 144 -1.86 24.24 -22.60
C LYS A 144 -1.31 25.36 -23.47
N LYS A 145 -0.03 25.29 -23.85
CA LYS A 145 0.59 26.33 -24.69
C LYS A 145 -0.23 26.70 -25.93
N SER A 146 -0.73 25.71 -26.69
CA SER A 146 -1.51 25.99 -27.90
C SER A 146 -2.82 25.21 -27.91
N GLU A 147 -3.41 25.00 -26.74
CA GLU A 147 -4.62 24.22 -26.66
C GLU A 147 -5.45 24.53 -25.45
N ALA A 148 -6.76 24.66 -25.64
CA ALA A 148 -7.68 24.83 -24.52
C ALA A 148 -7.93 23.41 -23.98
N SER A 149 -8.31 23.28 -22.72
CA SER A 149 -8.59 21.98 -22.12
C SER A 149 -9.37 22.14 -20.83
N GLY A 150 -10.31 21.23 -20.59
CA GLY A 150 -11.07 21.15 -19.35
C GLY A 150 -11.58 22.46 -18.77
N PHE A 151 -12.32 23.17 -19.60
CA PHE A 151 -12.98 24.45 -19.26
C PHE A 151 -12.04 25.63 -19.16
N CYS A 152 -10.73 25.41 -19.43
CA CYS A 152 -9.64 26.39 -19.35
C CYS A 152 -9.12 26.77 -20.72
N TYR A 153 -8.90 28.08 -20.95
CA TYR A 153 -8.39 28.55 -22.23
C TYR A 153 -7.02 29.17 -22.11
N VAL A 154 -6.83 30.04 -21.10
CA VAL A 154 -5.52 30.68 -20.90
C VAL A 154 -5.04 30.27 -19.52
N ASN A 155 -3.80 29.78 -19.43
CA ASN A 155 -3.26 29.32 -18.17
C ASN A 155 -2.73 30.49 -17.35
N ASP A 156 -3.63 31.11 -16.60
CA ASP A 156 -3.29 32.26 -15.75
C ASP A 156 -2.22 31.89 -14.71
N ILE A 157 -2.23 30.62 -14.24
CA ILE A 157 -1.28 30.13 -13.25
C ILE A 157 0.11 30.17 -13.82
N VAL A 158 0.32 29.60 -15.02
CA VAL A 158 1.66 29.59 -15.63
C VAL A 158 2.16 31.02 -15.82
N LEU A 159 1.30 31.90 -16.34
CA LEU A 159 1.66 33.31 -16.54
C LEU A 159 2.04 33.98 -15.22
N ALA A 160 1.27 33.71 -14.14
CA ALA A 160 1.58 34.30 -12.83
C ALA A 160 2.92 33.74 -12.29
N ILE A 161 3.19 32.45 -12.54
CA ILE A 161 4.44 31.85 -12.07
C ILE A 161 5.60 32.44 -12.81
N LEU A 162 5.48 32.63 -14.13
CA LEU A 162 6.55 33.26 -14.94
C LEU A 162 6.85 34.67 -14.39
N GLU A 163 5.81 35.38 -13.95
CA GLU A 163 5.99 36.70 -13.36
C GLU A 163 6.76 36.58 -12.03
N LEU A 164 6.35 35.65 -11.15
CA LEU A 164 7.05 35.44 -9.88
C LEU A 164 8.50 35.03 -10.10
N LEU A 165 8.79 34.27 -11.17
CA LEU A 165 10.16 33.83 -11.48
C LEU A 165 11.11 35.00 -11.82
N LYS A 166 10.57 36.20 -12.07
CA LYS A 166 11.42 37.37 -12.36
C LYS A 166 12.19 37.80 -11.09
N TYR A 167 11.64 37.54 -9.90
CA TYR A 167 12.24 37.91 -8.62
C TYR A 167 12.43 36.75 -7.64
N HIS A 168 11.97 35.53 -7.99
CA HIS A 168 12.09 34.38 -7.11
C HIS A 168 12.77 33.23 -7.81
N GLN A 169 13.86 32.72 -7.23
CA GLN A 169 14.61 31.62 -7.83
C GLN A 169 13.80 30.33 -7.87
N ARG A 170 13.07 30.05 -6.79
CA ARG A 170 12.28 28.83 -6.72
C ARG A 170 10.85 29.15 -6.31
N VAL A 171 9.88 28.63 -7.06
CA VAL A 171 8.48 28.86 -6.78
C VAL A 171 7.78 27.53 -6.56
N LEU A 172 7.00 27.43 -5.49
CA LEU A 172 6.27 26.20 -5.21
C LEU A 172 4.80 26.37 -5.65
N TYR A 173 4.30 25.44 -6.43
CA TYR A 173 2.91 25.44 -6.87
C TYR A 173 2.21 24.25 -6.18
N ILE A 174 1.06 24.48 -5.52
CA ILE A 174 0.31 23.40 -4.83
C ILE A 174 -1.11 23.42 -5.36
N ASP A 175 -1.62 22.26 -5.78
CA ASP A 175 -2.94 22.22 -6.40
C ASP A 175 -3.86 21.24 -5.66
N ILE A 176 -4.93 21.74 -5.02
CA ILE A 176 -5.90 20.93 -4.27
C ILE A 176 -7.25 20.78 -5.00
N ASP A 177 -7.31 21.15 -6.28
CA ASP A 177 -8.48 20.89 -7.14
C ASP A 177 -8.56 19.31 -7.24
N ILE A 178 -9.77 18.74 -7.41
CA ILE A 178 -9.86 17.29 -7.52
C ILE A 178 -9.19 16.75 -8.79
N HIS A 179 -9.01 17.61 -9.85
CA HIS A 179 -8.41 17.20 -11.11
C HIS A 179 -6.94 17.51 -11.07
N HIS A 180 -6.13 16.65 -11.72
CA HIS A 180 -4.70 16.85 -11.81
C HIS A 180 -4.36 18.18 -12.51
N GLY A 181 -3.42 18.95 -11.94
CA GLY A 181 -2.98 20.22 -12.52
C GLY A 181 -2.00 19.99 -13.65
N ASP A 182 -2.47 19.37 -14.73
CA ASP A 182 -1.64 18.97 -15.86
C ASP A 182 -1.00 20.10 -16.66
N GLY A 183 -1.72 21.20 -16.94
CA GLY A 183 -1.14 22.28 -17.73
C GLY A 183 0.03 22.96 -17.05
N VAL A 184 -0.09 23.14 -15.73
CA VAL A 184 0.97 23.74 -14.92
C VAL A 184 2.15 22.77 -14.82
N GLU A 185 1.87 21.47 -14.55
CA GLU A 185 2.94 20.49 -14.46
C GLU A 185 3.72 20.40 -15.77
N GLU A 186 3.01 20.34 -16.91
CA GLU A 186 3.61 20.25 -18.23
C GLU A 186 4.47 21.45 -18.53
N ALA A 187 3.98 22.66 -18.19
CA ALA A 187 4.74 23.88 -18.48
C ALA A 187 6.12 23.92 -17.85
N PHE A 188 6.24 23.38 -16.62
CA PHE A 188 7.49 23.41 -15.87
C PHE A 188 8.15 22.02 -15.63
N TYR A 189 7.70 21.02 -16.38
CA TYR A 189 8.15 19.63 -16.24
C TYR A 189 9.66 19.43 -16.32
N THR A 190 10.36 20.26 -17.12
CA THR A 190 11.81 20.06 -17.27
C THR A 190 12.66 21.10 -16.53
N THR A 191 12.07 21.88 -15.61
CA THR A 191 12.87 22.85 -14.86
C THR A 191 12.79 22.59 -13.36
N ASP A 192 13.83 23.00 -12.64
CA ASP A 192 13.87 22.91 -11.18
C ASP A 192 13.48 24.24 -10.50
N ARG A 193 13.20 25.30 -11.30
CA ARG A 193 12.80 26.60 -10.76
C ARG A 193 11.34 26.63 -10.27
N VAL A 194 10.55 25.59 -10.60
CA VAL A 194 9.18 25.47 -10.12
C VAL A 194 8.99 24.02 -9.67
N MET A 195 8.44 23.80 -8.46
CA MET A 195 8.11 22.44 -8.04
C MET A 195 6.58 22.41 -8.06
N THR A 196 5.99 21.43 -8.76
CA THR A 196 4.53 21.34 -8.82
C THR A 196 4.06 20.18 -7.95
N VAL A 197 3.06 20.41 -7.09
CA VAL A 197 2.55 19.37 -6.19
C VAL A 197 1.05 19.32 -6.36
N SER A 198 0.54 18.19 -6.82
CA SER A 198 -0.87 18.04 -7.09
C SER A 198 -1.47 16.88 -6.34
N PHE A 199 -2.60 17.10 -5.68
CA PHE A 199 -3.32 16.06 -4.95
C PHE A 199 -4.59 15.94 -5.75
N HIS A 200 -4.88 14.74 -6.31
CA HIS A 200 -6.05 14.64 -7.17
C HIS A 200 -6.62 13.23 -7.28
N LYS A 201 -7.88 13.11 -7.74
CA LYS A 201 -8.45 11.78 -8.01
C LYS A 201 -7.75 11.26 -9.25
N TYR A 202 -7.31 10.00 -9.19
CA TYR A 202 -6.59 9.38 -10.30
C TYR A 202 -7.23 8.01 -10.55
N GLY A 203 -7.55 7.72 -11.80
CA GLY A 203 -8.18 6.46 -12.21
C GLY A 203 -9.55 6.67 -12.81
N GLU A 204 -9.67 6.49 -14.14
CA GLU A 204 -10.94 6.68 -14.89
C GLU A 204 -11.48 8.09 -14.60
N TYR A 205 -10.58 9.07 -14.69
CA TYR A 205 -10.96 10.45 -14.35
C TYR A 205 -10.13 11.44 -15.11
N PHE A 206 -10.77 12.51 -15.58
CA PHE A 206 -10.08 13.56 -16.34
C PHE A 206 -8.99 14.22 -15.49
N PRO A 207 -7.84 14.61 -16.07
CA PRO A 207 -7.43 14.43 -17.47
C PRO A 207 -6.70 13.12 -17.78
N GLY A 208 -6.61 12.20 -16.82
CA GLY A 208 -5.93 10.92 -17.05
C GLY A 208 -4.46 10.90 -16.72
N THR A 209 -3.90 12.05 -16.34
CA THR A 209 -2.50 12.19 -15.99
C THR A 209 -2.34 12.34 -14.46
N GLY A 210 -1.11 12.46 -13.98
CA GLY A 210 -0.86 12.63 -12.56
C GLY A 210 -0.60 11.32 -11.83
N ASP A 211 0.06 10.37 -12.50
CA ASP A 211 0.41 9.10 -11.86
C ASP A 211 1.50 9.42 -10.83
N LEU A 212 1.56 8.63 -9.74
CA LEU A 212 2.59 8.93 -8.74
CA LEU A 212 2.57 8.68 -8.70
C LEU A 212 4.00 8.71 -9.32
N ARG A 213 4.15 7.99 -10.45
CA ARG A 213 5.42 7.78 -11.14
C ARG A 213 5.81 8.94 -12.08
N ASP A 214 4.93 9.96 -12.24
CA ASP A 214 5.26 11.14 -13.05
C ASP A 214 5.95 12.10 -12.06
N ILE A 215 7.28 12.18 -12.14
CA ILE A 215 8.07 12.96 -11.21
C ILE A 215 8.92 14.04 -11.87
N GLY A 216 8.72 14.32 -13.15
CA GLY A 216 9.51 15.32 -13.85
C GLY A 216 10.53 14.70 -14.78
N ALA A 217 11.24 15.51 -15.55
CA ALA A 217 12.23 15.00 -16.50
C ALA A 217 13.41 15.97 -16.65
N GLY A 218 14.59 15.45 -17.01
CA GLY A 218 15.79 16.27 -17.16
C GLY A 218 16.13 17.03 -15.88
N LYS A 219 16.37 18.34 -15.98
CA LYS A 219 16.64 19.15 -14.79
C LYS A 219 15.43 19.19 -13.83
N GLY A 220 14.24 18.90 -14.32
CA GLY A 220 13.02 18.88 -13.52
C GLY A 220 12.74 17.54 -12.83
N LYS A 221 13.65 16.55 -12.97
CA LYS A 221 13.41 15.24 -12.32
C LYS A 221 13.40 15.42 -10.81
N TYR A 222 12.33 14.94 -10.15
CA TYR A 222 12.02 15.06 -8.72
C TYR A 222 11.33 16.40 -8.36
N TYR A 223 11.07 17.25 -9.37
CA TYR A 223 10.42 18.55 -9.12
C TYR A 223 8.93 18.55 -9.47
N ALA A 224 8.34 17.38 -9.78
CA ALA A 224 6.91 17.27 -10.01
C ALA A 224 6.49 16.18 -9.01
N VAL A 225 5.46 16.45 -8.24
CA VAL A 225 4.99 15.54 -7.19
C VAL A 225 3.51 15.32 -7.43
N ASN A 226 3.08 14.04 -7.44
CA ASN A 226 1.68 13.73 -7.65
C ASN A 226 1.21 12.77 -6.59
N PHE A 227 0.09 13.09 -5.94
CA PHE A 227 -0.52 12.23 -4.93
C PHE A 227 -1.88 11.74 -5.48
N PRO A 228 -1.89 10.54 -6.08
CA PRO A 228 -3.14 10.00 -6.63
C PRO A 228 -4.06 9.45 -5.58
N MET A 229 -5.32 9.84 -5.65
CA MET A 229 -6.31 9.45 -4.67
C MET A 229 -7.52 8.78 -5.32
N ARG A 230 -8.28 8.04 -4.54
CA ARG A 230 -9.49 7.37 -4.97
C ARG A 230 -10.71 8.14 -4.42
N ASP A 231 -11.92 7.73 -4.79
CA ASP A 231 -13.14 8.40 -4.29
C ASP A 231 -13.26 8.44 -2.77
N GLY A 232 -14.00 9.43 -2.28
CA GLY A 232 -14.38 9.54 -0.87
C GLY A 232 -13.38 10.01 0.15
N ILE A 233 -12.25 10.63 -0.26
CA ILE A 233 -11.29 11.12 0.73
C ILE A 233 -11.95 12.14 1.68
N ASP A 234 -11.69 12.05 2.98
CA ASP A 234 -12.31 12.92 3.97
C ASP A 234 -11.30 13.85 4.63
N ASP A 235 -11.77 14.77 5.51
CA ASP A 235 -10.89 15.74 6.18
C ASP A 235 -9.75 15.09 6.95
N GLU A 236 -10.06 14.03 7.71
CA GLU A 236 -9.09 13.31 8.52
C GLU A 236 -7.96 12.76 7.64
N SER A 237 -8.30 12.01 6.57
CA SER A 237 -7.32 11.41 5.66
C SER A 237 -6.51 12.45 4.89
N TYR A 238 -7.18 13.48 4.36
CA TYR A 238 -6.49 14.52 3.60
C TYR A 238 -5.51 15.28 4.53
N GLY A 239 -5.98 15.63 5.72
CA GLY A 239 -5.19 16.37 6.69
C GLY A 239 -3.93 15.62 7.13
N GLN A 240 -4.05 14.29 7.25
CA GLN A 240 -3.01 13.31 7.63
C GLN A 240 -1.82 13.31 6.65
N ILE A 241 -2.06 13.63 5.37
CA ILE A 241 -0.97 13.62 4.41
C ILE A 241 -0.57 14.98 3.91
N PHE A 242 -1.49 15.97 3.92
CA PHE A 242 -1.18 17.28 3.36
C PHE A 242 -0.05 18.00 4.12
N LYS A 243 -0.21 18.21 5.42
CA LYS A 243 0.80 18.89 6.22
C LYS A 243 2.17 18.18 6.14
N PRO A 244 2.29 16.85 6.37
CA PRO A 244 3.61 16.21 6.28
C PRO A 244 4.27 16.35 4.90
N ILE A 245 3.48 16.23 3.81
CA ILE A 245 4.06 16.36 2.48
C ILE A 245 4.51 17.80 2.24
N ILE A 246 3.63 18.77 2.53
CA ILE A 246 4.00 20.17 2.32
C ILE A 246 5.19 20.57 3.21
N SER A 247 5.21 20.10 4.46
CA SER A 247 6.35 20.40 5.36
C SER A 247 7.68 19.86 4.78
N LYS A 248 7.66 18.63 4.23
CA LYS A 248 8.85 18.03 3.64
C LYS A 248 9.27 18.76 2.39
N VAL A 249 8.30 19.17 1.55
CA VAL A 249 8.58 19.93 0.35
C VAL A 249 9.21 21.29 0.75
N MET A 250 8.65 21.98 1.75
CA MET A 250 9.20 23.27 2.19
C MET A 250 10.67 23.11 2.65
N GLU A 251 10.89 22.07 3.45
CA GLU A 251 12.21 21.76 4.00
C GLU A 251 13.24 21.49 2.91
N MET A 252 12.92 20.62 1.94
CA MET A 252 13.86 20.26 0.88
C MET A 252 14.01 21.29 -0.23
N TYR A 253 12.88 21.86 -0.67
CA TYR A 253 12.89 22.77 -1.82
C TYR A 253 13.18 24.23 -1.46
N GLN A 254 12.78 24.68 -0.26
CA GLN A 254 13.01 26.06 0.21
C GLN A 254 12.54 27.12 -0.82
N PRO A 255 11.25 27.07 -1.21
CA PRO A 255 10.77 28.06 -2.18
C PRO A 255 10.73 29.47 -1.60
N SER A 256 10.84 30.51 -2.44
CA SER A 256 10.72 31.88 -1.92
C SER A 256 9.31 32.49 -2.15
N ALA A 257 8.45 31.81 -2.94
CA ALA A 257 7.08 32.22 -3.20
C ALA A 257 6.24 30.97 -3.44
N VAL A 258 4.95 31.06 -3.15
CA VAL A 258 4.03 29.94 -3.31
C VAL A 258 2.76 30.35 -4.05
N VAL A 259 2.25 29.45 -4.91
CA VAL A 259 0.99 29.66 -5.62
C VAL A 259 0.14 28.47 -5.18
N LEU A 260 -1.05 28.72 -4.66
CA LEU A 260 -1.93 27.66 -4.20
C LEU A 260 -3.23 27.71 -4.98
N GLN A 261 -3.49 26.67 -5.79
CA GLN A 261 -4.72 26.54 -6.56
C GLN A 261 -5.75 25.87 -5.60
N CYS A 262 -6.84 26.60 -5.28
CA CYS A 262 -7.86 26.16 -4.32
C CYS A 262 -9.13 25.66 -4.94
N GLY A 263 -9.03 24.88 -6.01
CA GLY A 263 -10.20 24.31 -6.68
C GLY A 263 -11.13 23.65 -5.68
N ALA A 264 -12.38 24.10 -5.64
CA ALA A 264 -13.37 23.63 -4.67
C ALA A 264 -14.17 22.41 -5.10
N ASP A 265 -13.81 21.79 -6.22
CA ASP A 265 -14.48 20.56 -6.67
C ASP A 265 -14.03 19.31 -5.84
N SER A 266 -13.07 19.49 -4.92
CA SER A 266 -12.64 18.46 -3.98
C SER A 266 -13.59 18.45 -2.74
N LEU A 267 -14.66 19.32 -2.70
CA LEU A 267 -15.58 19.31 -1.57
C LEU A 267 -16.64 18.24 -1.78
N SER A 268 -17.16 17.72 -0.66
CA SER A 268 -18.29 16.81 -0.60
C SER A 268 -19.49 17.42 -1.34
N GLY A 269 -20.22 16.61 -2.09
CA GLY A 269 -21.40 17.09 -2.81
C GLY A 269 -21.17 17.84 -4.10
N ASP A 270 -19.91 17.90 -4.57
CA ASP A 270 -19.62 18.59 -5.83
C ASP A 270 -20.30 17.85 -6.98
N ARG A 271 -20.84 18.61 -7.95
CA ARG A 271 -21.51 18.04 -9.11
C ARG A 271 -20.59 17.14 -9.98
N LEU A 272 -19.30 17.45 -10.04
CA LEU A 272 -18.35 16.66 -10.85
CA LEU A 272 -18.33 16.68 -10.85
C LEU A 272 -17.36 15.85 -10.00
N GLY A 273 -17.11 16.29 -8.79
CA GLY A 273 -16.15 15.61 -7.92
C GLY A 273 -16.73 14.48 -7.11
N CYS A 274 -15.84 13.58 -6.66
CA CYS A 274 -16.26 12.45 -5.85
C CYS A 274 -15.43 12.34 -4.55
N PHE A 275 -14.99 13.48 -4.01
CA PHE A 275 -14.29 13.54 -2.73
C PHE A 275 -15.31 13.92 -1.64
N ASN A 276 -14.89 13.89 -0.37
CA ASN A 276 -15.79 14.15 0.73
C ASN A 276 -15.23 15.13 1.74
N LEU A 277 -14.51 16.16 1.26
CA LEU A 277 -13.97 17.17 2.17
C LEU A 277 -15.03 18.16 2.58
N THR A 278 -14.88 18.74 3.75
CA THR A 278 -15.77 19.82 4.19
C THR A 278 -15.01 21.14 3.86
N VAL A 279 -15.66 22.31 4.04
CA VAL A 279 -15.00 23.60 3.82
C VAL A 279 -13.83 23.73 4.84
N LYS A 280 -14.01 23.26 6.09
CA LYS A 280 -12.93 23.32 7.09
C LYS A 280 -11.71 22.47 6.65
N GLY A 281 -11.98 21.29 6.10
CA GLY A 281 -10.93 20.37 5.65
C GLY A 281 -10.16 20.93 4.48
N HIS A 282 -10.88 21.56 3.55
CA HIS A 282 -10.30 22.19 2.38
C HIS A 282 -9.46 23.40 2.84
N ALA A 283 -10.04 24.25 3.71
CA ALA A 283 -9.37 25.45 4.23
C ALA A 283 -8.18 25.14 5.12
N LYS A 284 -8.13 23.93 5.71
CA LYS A 284 -6.97 23.53 6.51
C LYS A 284 -5.70 23.57 5.60
N CYS A 285 -5.84 23.35 4.27
CA CYS A 285 -4.71 23.43 3.35
C CYS A 285 -4.18 24.85 3.27
N VAL A 286 -5.09 25.83 3.22
CA VAL A 286 -4.69 27.24 3.20
C VAL A 286 -4.00 27.58 4.51
N GLU A 287 -4.53 27.11 5.66
CA GLU A 287 -3.90 27.38 6.98
C GLU A 287 -2.46 26.81 6.99
N VAL A 288 -2.30 25.58 6.48
CA VAL A 288 -0.98 24.93 6.44
C VAL A 288 0.02 25.74 5.62
N VAL A 289 -0.36 26.13 4.41
CA VAL A 289 0.54 26.88 3.55
C VAL A 289 0.86 28.25 4.14
N LYS A 290 -0.15 28.94 4.66
CA LYS A 290 -0.01 30.26 5.25
C LYS A 290 0.99 30.28 6.41
N THR A 291 1.06 29.19 7.16
CA THR A 291 1.94 29.08 8.32
C THR A 291 3.44 29.25 7.96
N PHE A 292 3.87 28.91 6.72
CA PHE A 292 5.28 29.06 6.29
C PHE A 292 5.72 30.50 6.07
N ASN A 293 4.79 31.47 6.17
CA ASN A 293 5.08 32.90 6.03
C ASN A 293 5.84 33.29 4.75
N LEU A 294 5.48 32.72 3.60
CA LEU A 294 6.11 33.08 2.32
C LEU A 294 5.10 33.87 1.48
N PRO A 295 5.57 34.73 0.54
CA PRO A 295 4.64 35.42 -0.39
C PRO A 295 3.71 34.37 -1.04
N LEU A 296 2.37 34.57 -0.96
CA LEU A 296 1.44 33.56 -1.41
C LEU A 296 0.35 34.09 -2.35
N LEU A 297 0.18 33.45 -3.50
CA LEU A 297 -0.86 33.79 -4.46
C LEU A 297 -1.89 32.69 -4.34
N MET A 298 -3.13 33.03 -3.93
CA MET A 298 -4.20 32.04 -3.78
C MET A 298 -5.13 32.21 -4.98
N LEU A 299 -5.41 31.11 -5.66
CA LEU A 299 -6.25 31.11 -6.85
C LEU A 299 -7.46 30.20 -6.74
N GLY A 300 -8.44 30.40 -7.61
CA GLY A 300 -9.63 29.57 -7.64
C GLY A 300 -9.36 28.33 -8.48
N GLY A 301 -10.37 27.89 -9.22
CA GLY A 301 -10.24 26.69 -10.05
C GLY A 301 -11.59 26.04 -10.22
N GLY A 302 -11.66 24.73 -10.03
CA GLY A 302 -12.93 24.01 -10.17
C GLY A 302 -13.89 24.31 -9.03
N GLY A 303 -15.09 23.73 -9.10
CA GLY A 303 -16.12 23.93 -8.08
C GLY A 303 -17.41 24.07 -8.87
N TYR A 304 -18.28 23.07 -8.76
CA TYR A 304 -19.47 22.95 -9.61
C TYR A 304 -20.79 22.86 -8.85
N THR A 305 -20.78 22.88 -7.50
CA THR A 305 -22.02 22.99 -6.66
C THR A 305 -21.77 24.41 -6.13
N ILE A 306 -22.31 25.42 -6.85
CA ILE A 306 -21.89 26.78 -6.64
C ILE A 306 -22.14 27.36 -5.27
N ARG A 307 -23.19 26.94 -4.51
CA ARG A 307 -23.36 27.47 -3.15
C ARG A 307 -22.15 27.06 -2.27
N ASN A 308 -21.61 25.83 -2.50
CA ASN A 308 -20.47 25.34 -1.73
C ASN A 308 -19.19 26.01 -2.13
N VAL A 309 -19.06 26.39 -3.39
CA VAL A 309 -17.89 27.12 -3.87
C VAL A 309 -17.85 28.48 -3.17
N ALA A 310 -18.99 29.18 -3.12
CA ALA A 310 -19.07 30.49 -2.45
C ALA A 310 -18.71 30.35 -0.97
N ARG A 311 -19.22 29.32 -0.29
CA ARG A 311 -18.91 29.12 1.13
C ARG A 311 -17.39 28.90 1.31
N CYS A 312 -16.83 28.05 0.46
CA CYS A 312 -15.43 27.63 0.53
C CYS A 312 -14.48 28.78 0.36
N TRP A 313 -14.67 29.55 -0.72
CA TRP A 313 -13.77 30.66 -1.00
C TRP A 313 -14.01 31.83 -0.06
N THR A 314 -15.23 31.99 0.47
CA THR A 314 -15.46 33.05 1.47
C THR A 314 -14.67 32.68 2.76
N TYR A 315 -14.75 31.41 3.18
CA TYR A 315 -14.06 30.97 4.37
C TYR A 315 -12.55 31.01 4.19
N GLU A 316 -12.05 30.68 2.99
CA GLU A 316 -10.60 30.73 2.72
C GLU A 316 -10.08 32.16 2.66
N THR A 317 -10.93 33.12 2.27
CA THR A 317 -10.52 34.54 2.29
C THR A 317 -10.43 34.93 3.81
N ALA A 318 -11.39 34.48 4.65
CA ALA A 318 -11.36 34.78 6.08
C ALA A 318 -10.10 34.20 6.72
N VAL A 319 -9.72 32.98 6.30
CA VAL A 319 -8.50 32.30 6.77
C VAL A 319 -7.29 33.15 6.40
N ALA A 320 -7.20 33.64 5.16
CA ALA A 320 -6.07 34.50 4.72
C ALA A 320 -5.96 35.75 5.59
N LEU A 321 -7.09 36.32 5.98
CA LEU A 321 -7.15 37.54 6.80
C LEU A 321 -7.05 37.26 8.31
N ASP A 322 -7.02 36.00 8.75
CA ASP A 322 -7.01 35.64 10.16
C ASP A 322 -8.25 36.22 10.88
N CYS A 323 -9.38 36.23 10.16
CA CYS A 323 -10.62 36.73 10.70
CA CYS A 323 -10.64 36.75 10.65
C CYS A 323 -11.59 35.61 10.94
N GLU A 324 -12.16 35.57 12.13
CA GLU A 324 -13.13 34.54 12.47
C GLU A 324 -14.46 35.06 11.97
N ILE A 325 -15.24 34.20 11.30
CA ILE A 325 -16.57 34.60 10.82
C ILE A 325 -17.60 33.63 11.34
N PRO A 326 -18.80 34.11 11.68
CA PRO A 326 -19.84 33.19 12.20
C PRO A 326 -20.35 32.17 11.19
N ASN A 327 -20.85 31.04 11.70
CA ASN A 327 -21.40 30.00 10.85
C ASN A 327 -22.75 30.45 10.26
N GLU A 328 -23.49 31.31 10.96
CA GLU A 328 -24.77 31.82 10.47
C GLU A 328 -24.47 32.77 9.30
N LEU A 329 -25.02 32.47 8.12
CA LEU A 329 -24.75 33.30 6.94
C LEU A 329 -25.44 34.65 7.07
N PRO A 330 -24.73 35.74 6.74
CA PRO A 330 -25.38 37.03 6.74
C PRO A 330 -26.30 37.07 5.52
N TYR A 331 -27.33 37.96 5.57
CA TYR A 331 -28.20 38.14 4.42
C TYR A 331 -27.34 38.64 3.22
N ASN A 332 -27.65 38.19 2.02
CA ASN A 332 -26.87 38.55 0.83
C ASN A 332 -27.75 38.42 -0.41
N ASP A 333 -27.25 38.88 -1.57
CA ASP A 333 -28.02 38.85 -2.82
C ASP A 333 -28.42 37.48 -3.32
N TYR A 334 -27.74 36.44 -2.84
CA TYR A 334 -28.02 35.07 -3.25
C TYR A 334 -28.39 34.20 -2.07
N PHE A 335 -28.95 34.79 -1.00
CA PHE A 335 -29.31 34.08 0.24
C PHE A 335 -30.05 32.77 0.02
N GLU A 336 -31.05 32.76 -0.87
CA GLU A 336 -31.85 31.56 -1.17
C GLU A 336 -31.05 30.37 -1.73
N TYR A 337 -29.87 30.64 -2.31
CA TYR A 337 -29.03 29.54 -2.82
C TYR A 337 -28.44 28.69 -1.68
N PHE A 338 -28.39 29.24 -0.45
CA PHE A 338 -27.77 28.59 0.69
C PHE A 338 -28.72 27.84 1.60
N GLY A 339 -29.98 27.71 1.19
CA GLY A 339 -30.93 26.92 1.94
C GLY A 339 -30.60 25.43 1.82
N PRO A 340 -31.23 24.57 2.62
CA PRO A 340 -32.24 24.89 3.65
C PRO A 340 -31.68 25.35 4.98
N ASP A 341 -30.36 25.27 5.18
CA ASP A 341 -29.69 25.59 6.43
C ASP A 341 -29.21 27.04 6.62
N PHE A 342 -28.78 27.70 5.55
CA PHE A 342 -28.27 29.07 5.61
C PHE A 342 -27.07 29.17 6.55
N LYS A 343 -26.19 28.14 6.51
CA LYS A 343 -24.97 28.10 7.31
C LYS A 343 -23.77 28.11 6.37
N LEU A 344 -22.62 28.52 6.87
CA LEU A 344 -21.41 28.58 6.08
C LEU A 344 -20.75 27.21 5.91
N HIS A 345 -20.70 26.45 7.01
CA HIS A 345 -20.03 25.15 6.97
C HIS A 345 -20.92 24.03 6.50
N ILE A 346 -20.30 23.03 5.89
CA ILE A 346 -20.99 21.89 5.31
C ILE A 346 -20.65 20.61 6.04
N SER A 347 -21.52 19.62 5.91
CA SER A 347 -21.37 18.30 6.50
C SER A 347 -20.89 17.33 5.45
N PRO A 348 -20.00 16.40 5.82
CA PRO A 348 -19.59 15.38 4.84
C PRO A 348 -20.73 14.37 4.64
N SER A 349 -20.72 13.68 3.52
CA SER A 349 -21.72 12.67 3.22
C SER A 349 -21.33 11.30 3.84
N ASN A 350 -22.18 10.28 3.66
CA ASN A 350 -21.88 8.93 4.16
C ASN A 350 -21.08 8.10 3.13
N MET A 351 -20.55 8.72 2.05
CA MET A 351 -19.82 7.97 1.04
C MET A 351 -18.60 7.26 1.63
N THR A 352 -18.30 6.07 1.13
CA THR A 352 -17.18 5.30 1.61
C THR A 352 -15.88 5.96 1.18
N ASN A 353 -14.90 5.99 2.07
CA ASN A 353 -13.59 6.51 1.74
C ASN A 353 -12.79 5.33 1.21
N GLN A 354 -12.58 5.29 -0.09
CA GLN A 354 -11.81 4.22 -0.71
CA GLN A 354 -11.81 4.22 -0.73
C GLN A 354 -10.30 4.32 -0.46
N ASN A 355 -9.84 5.46 0.09
CA ASN A 355 -8.43 5.68 0.42
C ASN A 355 -8.20 5.16 1.84
N THR A 356 -7.80 3.89 1.95
CA THR A 356 -7.55 3.32 3.28
C THR A 356 -6.38 4.04 3.94
N PRO A 357 -6.31 4.02 5.27
CA PRO A 357 -5.17 4.64 5.97
C PRO A 357 -3.82 4.05 5.48
N GLU A 358 -3.80 2.74 5.14
CA GLU A 358 -2.55 2.09 4.68
C GLU A 358 -2.15 2.60 3.30
N TYR A 359 -3.14 2.83 2.42
CA TYR A 359 -2.89 3.37 1.08
C TYR A 359 -2.30 4.78 1.23
N MET A 360 -2.93 5.61 2.09
CA MET A 360 -2.46 6.99 2.29
C MET A 360 -1.01 7.02 2.79
N GLU A 361 -0.69 6.16 3.74
CA GLU A 361 0.68 6.10 4.28
C GLU A 361 1.65 5.61 3.25
N LYS A 362 1.26 4.57 2.48
CA LYS A 362 2.14 4.01 1.46
C LYS A 362 2.47 5.04 0.39
N ILE A 363 1.45 5.77 -0.11
CA ILE A 363 1.73 6.80 -1.14
C ILE A 363 2.62 7.91 -0.56
N LYS A 364 2.34 8.33 0.67
CA LYS A 364 3.16 9.37 1.32
C LYS A 364 4.62 8.92 1.45
N GLN A 365 4.85 7.65 1.80
CA GLN A 365 6.21 7.13 1.93
C GLN A 365 6.92 7.11 0.58
N ARG A 366 6.20 6.75 -0.51
CA ARG A 366 6.81 6.76 -1.85
C ARG A 366 7.19 8.21 -2.25
N LEU A 367 6.33 9.19 -1.92
CA LEU A 367 6.64 10.59 -2.21
C LEU A 367 7.83 11.07 -1.37
N PHE A 368 7.91 10.62 -0.11
CA PHE A 368 9.06 10.96 0.75
C PHE A 368 10.35 10.41 0.13
N GLU A 369 10.36 9.19 -0.46
CA GLU A 369 11.55 8.63 -1.10
CA GLU A 369 11.58 8.65 -1.08
C GLU A 369 12.03 9.54 -2.24
N ASN A 370 11.06 10.08 -3.02
CA ASN A 370 11.39 10.96 -4.13
C ASN A 370 11.93 12.27 -3.63
N LEU A 371 11.35 12.82 -2.56
CA LEU A 371 11.79 14.08 -1.97
C LEU A 371 13.22 13.96 -1.40
N ARG A 372 13.64 12.75 -0.98
CA ARG A 372 15.02 12.53 -0.49
C ARG A 372 16.05 12.72 -1.63
N MET A 373 15.60 12.63 -2.90
CA MET A 373 16.46 12.79 -4.06
C MET A 373 16.79 14.22 -4.45
N LEU A 374 16.19 15.21 -3.79
CA LEU A 374 16.49 16.62 -4.07
C LEU A 374 17.87 17.02 -3.48
N PRO A 375 18.57 18.04 -4.03
CA PRO A 375 19.88 18.41 -3.47
C PRO A 375 19.81 19.21 -2.17
N LYS B 10 11.13 -20.61 -23.59
CA LYS B 10 9.76 -20.94 -23.95
C LYS B 10 8.85 -19.69 -24.13
N LYS B 11 8.13 -19.63 -25.26
CA LYS B 11 7.24 -18.55 -25.64
C LYS B 11 5.88 -18.66 -24.95
N VAL B 12 5.32 -17.52 -24.51
CA VAL B 12 4.03 -17.50 -23.82
C VAL B 12 2.98 -16.64 -24.52
N CYS B 13 1.77 -17.19 -24.74
CA CYS B 13 0.68 -16.41 -25.29
C CYS B 13 -0.40 -16.32 -24.21
N TYR B 14 -1.05 -15.17 -24.10
CA TYR B 14 -1.97 -14.92 -23.01
C TYR B 14 -3.23 -14.29 -23.57
N TYR B 15 -4.39 -14.76 -23.12
CA TYR B 15 -5.68 -14.29 -23.60
C TYR B 15 -6.39 -13.48 -22.58
N TYR B 16 -6.92 -12.32 -23.03
CA TYR B 16 -7.64 -11.41 -22.17
C TYR B 16 -8.57 -10.48 -22.95
N ASP B 17 -9.81 -10.35 -22.49
CA ASP B 17 -10.74 -9.41 -23.10
C ASP B 17 -11.08 -8.38 -22.02
N GLY B 18 -10.91 -7.10 -22.33
CA GLY B 18 -11.18 -6.00 -21.41
C GLY B 18 -12.59 -5.92 -20.85
N ASP B 19 -13.59 -6.60 -21.47
CA ASP B 19 -14.95 -6.56 -20.94
C ASP B 19 -15.15 -7.61 -19.81
N ILE B 20 -14.23 -8.60 -19.71
CA ILE B 20 -14.36 -9.72 -18.78
C ILE B 20 -14.62 -9.28 -17.35
N GLY B 21 -13.91 -8.26 -16.88
CA GLY B 21 -14.08 -7.79 -15.50
C GLY B 21 -15.40 -7.14 -15.19
N ASN B 22 -16.18 -6.79 -16.21
CA ASN B 22 -17.47 -6.11 -16.03
C ASN B 22 -18.66 -7.03 -15.79
N TYR B 23 -18.50 -8.33 -16.06
CA TYR B 23 -19.58 -9.29 -15.85
C TYR B 23 -19.78 -9.44 -14.35
N TYR B 24 -21.03 -9.44 -13.91
CA TYR B 24 -21.31 -9.44 -12.49
C TYR B 24 -22.31 -10.49 -12.11
N TYR B 25 -21.90 -11.44 -11.26
CA TYR B 25 -22.77 -12.53 -10.81
C TYR B 25 -23.91 -12.10 -9.89
N GLY B 26 -23.83 -10.90 -9.33
CA GLY B 26 -24.87 -10.43 -8.42
C GLY B 26 -24.36 -10.21 -7.01
N GLN B 27 -25.12 -9.40 -6.25
CA GLN B 27 -24.78 -9.06 -4.88
C GLN B 27 -24.71 -10.29 -4.00
N GLY B 28 -23.59 -10.42 -3.29
CA GLY B 28 -23.36 -11.52 -2.40
C GLY B 28 -22.68 -12.72 -3.03
N HIS B 29 -22.67 -12.81 -4.39
CA HIS B 29 -22.07 -13.96 -5.06
C HIS B 29 -20.53 -13.90 -4.97
N PRO B 30 -19.89 -14.98 -4.50
CA PRO B 30 -18.43 -14.93 -4.34
C PRO B 30 -17.61 -14.88 -5.62
N MET B 31 -18.18 -15.31 -6.76
CA MET B 31 -17.38 -15.30 -8.00
C MET B 31 -17.34 -13.90 -8.56
N LYS B 32 -16.12 -13.35 -8.70
CA LYS B 32 -15.93 -11.99 -9.14
C LYS B 32 -15.00 -11.85 -10.34
N PRO B 33 -15.57 -11.80 -11.57
CA PRO B 33 -14.74 -11.66 -12.77
C PRO B 33 -13.77 -10.49 -12.74
N HIS B 34 -14.04 -9.46 -11.93
CA HIS B 34 -13.15 -8.31 -11.75
C HIS B 34 -11.73 -8.78 -11.32
N ARG B 35 -11.62 -9.96 -10.63
CA ARG B 35 -10.28 -10.46 -10.24
C ARG B 35 -9.40 -10.70 -11.48
N ILE B 36 -10.00 -10.99 -12.64
CA ILE B 36 -9.22 -11.22 -13.87
C ILE B 36 -8.62 -9.88 -14.35
N ARG B 37 -9.40 -8.81 -14.25
CA ARG B 37 -8.92 -7.47 -14.62
C ARG B 37 -7.83 -7.02 -13.61
N MET B 38 -8.01 -7.32 -12.32
CA MET B 38 -6.99 -6.96 -11.31
C MET B 38 -5.67 -7.66 -11.67
N THR B 39 -5.76 -8.95 -12.08
CA THR B 39 -4.59 -9.71 -12.48
C THR B 39 -3.91 -9.04 -13.65
N HIS B 40 -4.70 -8.73 -14.70
CA HIS B 40 -4.20 -8.11 -15.93
C HIS B 40 -3.50 -6.80 -15.64
N ASN B 41 -4.11 -5.96 -14.79
CA ASN B 41 -3.52 -4.66 -14.51
C ASN B 41 -2.25 -4.77 -13.67
N LEU B 42 -2.20 -5.74 -12.76
CA LEU B 42 -1.01 -5.94 -11.95
C LEU B 42 0.14 -6.42 -12.86
N LEU B 43 -0.12 -7.37 -13.82
N LEU B 43 -0.16 -7.32 -13.83
CA LEU B 43 0.98 -7.83 -14.68
CA LEU B 43 0.83 -7.82 -14.79
C LEU B 43 1.42 -6.71 -15.66
C LEU B 43 1.40 -6.68 -15.60
N LEU B 44 0.52 -5.78 -16.05
CA LEU B 44 0.90 -4.60 -16.89
C LEU B 44 1.90 -3.76 -16.10
N ASN B 45 1.56 -3.49 -14.83
CA ASN B 45 2.37 -2.61 -14.00
C ASN B 45 3.71 -3.23 -13.58
N TYR B 46 3.81 -4.56 -13.59
CA TYR B 46 5.09 -5.24 -13.34
C TYR B 46 5.98 -5.25 -14.61
N GLY B 47 5.46 -4.81 -15.76
CA GLY B 47 6.20 -4.78 -17.02
C GLY B 47 6.22 -6.12 -17.75
N LEU B 48 5.34 -7.05 -17.34
CA LEU B 48 5.32 -8.40 -17.88
C LEU B 48 4.74 -8.54 -19.29
N TYR B 49 4.10 -7.49 -19.85
CA TYR B 49 3.58 -7.62 -21.24
C TYR B 49 4.73 -7.66 -22.25
N ARG B 50 5.88 -7.07 -21.92
CA ARG B 50 7.02 -7.00 -22.83
C ARG B 50 7.45 -8.33 -23.43
N LYS B 51 7.43 -9.41 -22.65
CA LYS B 51 7.89 -10.71 -23.13
C LYS B 51 6.81 -11.70 -23.49
N MET B 52 5.53 -11.28 -23.56
CA MET B 52 4.52 -12.27 -23.94
CA MET B 52 4.43 -12.18 -23.84
C MET B 52 3.56 -11.70 -25.01
N GLU B 53 2.95 -12.62 -25.77
CA GLU B 53 2.06 -12.23 -26.85
C GLU B 53 0.70 -12.16 -26.19
N ILE B 54 0.05 -11.00 -26.23
CA ILE B 54 -1.25 -10.84 -25.63
C ILE B 54 -2.31 -10.76 -26.72
N TYR B 55 -3.36 -11.57 -26.60
CA TYR B 55 -4.45 -11.58 -27.55
C TYR B 55 -5.78 -11.39 -26.89
N ARG B 56 -6.73 -10.83 -27.65
CA ARG B 56 -8.11 -10.70 -27.21
C ARG B 56 -8.75 -11.98 -27.80
N PRO B 57 -9.42 -12.79 -26.97
CA PRO B 57 -10.03 -14.01 -27.49
C PRO B 57 -11.24 -13.68 -28.37
N HIS B 58 -11.58 -14.60 -29.28
CA HIS B 58 -12.81 -14.43 -30.06
C HIS B 58 -13.96 -14.89 -29.10
N LYS B 59 -15.20 -14.58 -29.45
CA LYS B 59 -16.35 -15.06 -28.69
C LYS B 59 -16.62 -16.45 -29.27
N ALA B 60 -16.44 -17.51 -28.46
CA ALA B 60 -16.69 -18.87 -28.94
C ALA B 60 -18.13 -19.04 -29.43
N THR B 61 -18.31 -19.67 -30.59
CA THR B 61 -19.65 -19.84 -31.15
C THR B 61 -20.42 -20.97 -30.49
N ALA B 62 -21.76 -21.00 -30.68
CA ALA B 62 -22.59 -22.12 -30.18
C ALA B 62 -22.09 -23.44 -30.80
N GLU B 63 -21.59 -23.40 -32.05
CA GLU B 63 -21.06 -24.55 -32.78
C GLU B 63 -19.81 -25.08 -32.07
N GLU B 64 -18.92 -24.16 -31.63
CA GLU B 64 -17.73 -24.57 -30.90
C GLU B 64 -18.15 -25.19 -29.55
N MET B 65 -19.12 -24.59 -28.85
CA MET B 65 -19.56 -25.10 -27.54
C MET B 65 -20.28 -26.43 -27.62
N THR B 66 -21.00 -26.70 -28.75
CA THR B 66 -21.70 -27.98 -28.88
C THR B 66 -20.79 -29.15 -29.27
N LYS B 67 -19.47 -28.92 -29.38
CA LYS B 67 -18.53 -30.01 -29.57
C LYS B 67 -18.55 -30.93 -28.29
N TYR B 68 -19.05 -30.38 -27.16
CA TYR B 68 -19.22 -31.11 -25.93
C TYR B 68 -20.67 -30.93 -25.40
N HIS B 69 -21.10 -29.69 -25.14
CA HIS B 69 -22.41 -29.44 -24.57
C HIS B 69 -23.56 -29.77 -25.51
N SER B 70 -24.74 -30.07 -24.96
CA SER B 70 -25.90 -30.36 -25.78
C SER B 70 -26.41 -29.08 -26.45
N ASP B 71 -26.96 -29.23 -27.65
CA ASP B 71 -27.52 -28.12 -28.42
C ASP B 71 -28.61 -27.39 -27.64
N GLU B 72 -29.44 -28.14 -26.91
CA GLU B 72 -30.53 -27.63 -26.09
C GLU B 72 -30.00 -26.75 -24.95
N TYR B 73 -28.95 -27.22 -24.27
CA TYR B 73 -28.37 -26.45 -23.16
C TYR B 73 -27.75 -25.14 -23.67
N ILE B 74 -26.98 -25.20 -24.75
CA ILE B 74 -26.35 -24.00 -25.32
C ILE B 74 -27.38 -22.99 -25.83
N LYS B 75 -28.46 -23.50 -26.45
CA LYS B 75 -29.55 -22.63 -26.93
C LYS B 75 -30.17 -21.90 -25.73
N PHE B 76 -30.35 -22.61 -24.60
CA PHE B 76 -30.88 -22.02 -23.37
C PHE B 76 -29.93 -20.89 -22.86
N LEU B 77 -28.61 -21.16 -22.76
CA LEU B 77 -27.67 -20.14 -22.30
C LEU B 77 -27.68 -18.91 -23.22
N ARG B 78 -27.85 -19.14 -24.53
CA ARG B 78 -27.87 -18.07 -25.54
C ARG B 78 -29.17 -17.22 -25.48
N SER B 79 -30.24 -17.76 -24.89
CA SER B 79 -31.55 -17.10 -24.82
C SER B 79 -31.92 -16.49 -23.48
N ILE B 80 -31.46 -17.09 -22.37
CA ILE B 80 -31.80 -16.66 -21.01
C ILE B 80 -31.24 -15.29 -20.65
N ARG B 81 -32.11 -14.45 -20.08
CA ARG B 81 -31.78 -13.09 -19.66
C ARG B 81 -32.54 -12.76 -18.38
N PRO B 82 -32.05 -11.81 -17.55
CA PRO B 82 -32.81 -11.43 -16.35
C PRO B 82 -34.25 -10.99 -16.66
N ASP B 83 -34.46 -10.33 -17.83
CA ASP B 83 -35.79 -9.83 -18.21
C ASP B 83 -36.76 -10.88 -18.76
N ASN B 84 -36.29 -12.12 -19.09
CA ASN B 84 -37.20 -13.14 -19.60
C ASN B 84 -37.26 -14.41 -18.71
N MET B 85 -36.56 -14.40 -17.55
CA MET B 85 -36.49 -15.48 -16.56
C MET B 85 -37.82 -16.11 -16.19
N SER B 86 -38.87 -15.29 -16.01
CA SER B 86 -40.19 -15.80 -15.66
C SER B 86 -40.78 -16.75 -16.72
N GLU B 87 -40.29 -16.70 -17.97
CA GLU B 87 -40.77 -17.58 -19.05
C GLU B 87 -39.95 -18.88 -19.17
N TYR B 88 -38.85 -19.01 -18.40
CA TYR B 88 -37.95 -20.16 -18.49
C TYR B 88 -37.81 -20.96 -17.19
N SER B 89 -38.81 -20.91 -16.29
CA SER B 89 -38.73 -21.65 -15.02
C SER B 89 -38.40 -23.14 -15.17
N LYS B 90 -39.01 -23.84 -16.14
CA LYS B 90 -38.74 -25.27 -16.37
C LYS B 90 -37.31 -25.51 -16.85
N GLN B 91 -36.86 -24.71 -17.83
CA GLN B 91 -35.50 -24.88 -18.34
C GLN B 91 -34.45 -24.49 -17.31
N MET B 92 -34.69 -23.49 -16.47
CA MET B 92 -33.75 -23.11 -15.41
C MET B 92 -33.56 -24.29 -14.43
N GLN B 93 -34.66 -25.00 -14.13
CA GLN B 93 -34.58 -26.15 -13.23
C GLN B 93 -33.85 -27.29 -13.94
N ARG B 94 -34.17 -27.56 -15.20
CA ARG B 94 -33.53 -28.63 -15.95
C ARG B 94 -32.01 -28.40 -16.10
N PHE B 95 -31.63 -27.16 -16.40
CA PHE B 95 -30.23 -26.84 -16.64
C PHE B 95 -29.44 -26.36 -15.40
N ASN B 96 -30.07 -26.39 -14.21
CA ASN B 96 -29.45 -26.02 -12.94
C ASN B 96 -28.95 -24.59 -12.86
N VAL B 97 -29.74 -23.67 -13.40
CA VAL B 97 -29.40 -22.26 -13.35
C VAL B 97 -30.25 -21.70 -12.23
N GLY B 98 -29.58 -21.37 -11.13
CA GLY B 98 -30.21 -20.88 -9.90
C GLY B 98 -29.24 -20.15 -9.01
N GLU B 99 -29.17 -20.49 -7.72
CA GLU B 99 -28.30 -19.76 -6.78
C GLU B 99 -26.82 -19.79 -7.14
N ASP B 100 -26.21 -20.99 -7.29
CA ASP B 100 -24.78 -21.05 -7.61
C ASP B 100 -24.49 -20.50 -9.00
N CYS B 101 -25.37 -20.76 -9.96
CA CYS B 101 -25.17 -20.32 -11.34
C CYS B 101 -26.32 -19.41 -11.71
N PRO B 102 -26.28 -18.15 -11.27
CA PRO B 102 -27.41 -17.25 -11.54
C PRO B 102 -27.49 -16.73 -12.97
N VAL B 103 -28.65 -16.14 -13.30
CA VAL B 103 -28.82 -15.51 -14.58
C VAL B 103 -28.33 -14.10 -14.38
N PHE B 104 -27.37 -13.65 -15.18
CA PHE B 104 -26.89 -12.28 -15.10
C PHE B 104 -26.78 -11.66 -16.48
N ASP B 105 -26.74 -10.32 -16.56
CA ASP B 105 -26.64 -9.62 -17.82
C ASP B 105 -25.34 -10.00 -18.53
N GLY B 106 -25.44 -10.41 -19.78
CA GLY B 106 -24.26 -10.76 -20.56
C GLY B 106 -23.69 -12.14 -20.24
N LEU B 107 -24.46 -12.98 -19.54
CA LEU B 107 -24.02 -14.35 -19.19
C LEU B 107 -23.43 -15.12 -20.39
N PHE B 108 -24.14 -15.13 -21.54
CA PHE B 108 -23.67 -15.87 -22.70
C PHE B 108 -22.35 -15.31 -23.21
N GLU B 109 -22.22 -13.98 -23.28
CA GLU B 109 -20.97 -13.36 -23.76
C GLU B 109 -19.81 -13.69 -22.79
N PHE B 110 -20.09 -13.73 -21.49
CA PHE B 110 -19.06 -14.10 -20.48
C PHE B 110 -18.57 -15.54 -20.80
N CYS B 111 -19.51 -16.46 -21.05
CA CYS B 111 -19.18 -17.84 -21.43
C CYS B 111 -18.36 -17.87 -22.72
N GLN B 112 -18.79 -17.08 -23.72
CA GLN B 112 -18.09 -17.04 -25.00
C GLN B 112 -16.65 -16.57 -24.87
N LEU B 113 -16.39 -15.57 -24.05
CA LEU B 113 -15.04 -15.04 -23.86
C LEU B 113 -14.18 -15.96 -23.02
N SER B 114 -14.75 -16.53 -21.95
CA SER B 114 -13.99 -17.48 -21.13
C SER B 114 -13.59 -18.72 -21.98
N THR B 115 -14.54 -19.27 -22.74
CA THR B 115 -14.29 -20.42 -23.61
C THR B 115 -13.36 -20.06 -24.75
N GLY B 116 -13.59 -18.91 -25.38
CA GLY B 116 -12.78 -18.44 -26.50
C GLY B 116 -11.30 -18.44 -26.21
N GLY B 117 -10.92 -17.95 -25.02
CA GLY B 117 -9.49 -17.94 -24.65
C GLY B 117 -8.90 -19.33 -24.54
N SER B 118 -9.63 -20.27 -23.97
CA SER B 118 -9.12 -21.62 -23.75
C SER B 118 -8.95 -22.36 -25.08
N VAL B 119 -9.97 -22.30 -25.94
CA VAL B 119 -9.93 -22.97 -27.23
CA VAL B 119 -9.88 -23.00 -27.22
C VAL B 119 -8.87 -22.33 -28.13
N ALA B 120 -8.76 -20.97 -28.11
CA ALA B 120 -7.73 -20.30 -28.95
C ALA B 120 -6.34 -20.69 -28.50
N GLY B 121 -6.12 -20.78 -27.18
CA GLY B 121 -4.84 -21.21 -26.65
C GLY B 121 -4.50 -22.63 -27.08
N ALA B 122 -5.50 -23.54 -27.04
CA ALA B 122 -5.32 -24.92 -27.46
C ALA B 122 -4.94 -24.95 -28.96
N VAL B 123 -5.58 -24.11 -29.81
CA VAL B 123 -5.23 -24.05 -31.24
C VAL B 123 -3.78 -23.60 -31.41
N LYS B 124 -3.37 -22.55 -30.69
CA LYS B 124 -1.97 -22.05 -30.75
C LYS B 124 -0.98 -23.14 -30.38
N LEU B 125 -1.33 -23.98 -29.37
CA LEU B 125 -0.45 -25.05 -28.96
C LEU B 125 -0.40 -26.11 -30.08
N ASN B 126 -1.56 -26.46 -30.65
CA ASN B 126 -1.66 -27.47 -31.72
C ASN B 126 -0.84 -27.05 -32.95
N ARG B 127 -0.87 -25.77 -33.28
CA ARG B 127 -0.11 -25.24 -34.43
C ARG B 127 1.37 -25.00 -34.12
N GLN B 128 1.82 -25.35 -32.89
CA GLN B 128 3.19 -25.16 -32.44
C GLN B 128 3.63 -23.72 -32.57
N GLN B 129 2.71 -22.78 -32.32
CA GLN B 129 3.04 -21.36 -32.38
C GLN B 129 3.44 -20.79 -31.00
N THR B 130 3.32 -21.60 -29.93
CA THR B 130 3.68 -21.25 -28.57
C THR B 130 3.94 -22.54 -27.79
N ASP B 131 4.70 -22.43 -26.73
CA ASP B 131 4.99 -23.52 -25.82
C ASP B 131 3.96 -23.47 -24.65
N MET B 132 3.49 -22.25 -24.29
CA MET B 132 2.52 -22.08 -23.21
C MET B 132 1.44 -21.10 -23.61
N ALA B 133 0.20 -21.42 -23.27
CA ALA B 133 -0.93 -20.54 -23.52
C ALA B 133 -1.61 -20.32 -22.14
N VAL B 134 -2.01 -19.09 -21.85
CA VAL B 134 -2.61 -18.75 -20.56
C VAL B 134 -3.99 -18.11 -20.76
N ASN B 135 -4.99 -18.58 -20.01
CA ASN B 135 -6.30 -17.95 -20.06
C ASN B 135 -6.86 -17.92 -18.63
N TRP B 136 -6.63 -16.81 -17.87
CA TRP B 136 -7.10 -16.76 -16.48
C TRP B 136 -8.62 -16.71 -16.36
N ALA B 137 -9.33 -16.35 -17.46
CA ALA B 137 -10.79 -16.34 -17.43
C ALA B 137 -11.38 -17.74 -17.58
N GLY B 138 -10.57 -18.75 -17.90
CA GLY B 138 -11.03 -20.12 -18.08
C GLY B 138 -10.85 -20.95 -16.81
N GLY B 139 -10.89 -22.27 -16.97
CA GLY B 139 -10.78 -23.23 -15.88
C GLY B 139 -12.09 -23.50 -15.16
N LEU B 140 -13.23 -23.34 -15.84
CA LEU B 140 -14.54 -23.52 -15.20
C LEU B 140 -14.95 -25.01 -15.23
N HIS B 141 -14.24 -25.77 -14.39
CA HIS B 141 -14.25 -27.21 -14.35
C HIS B 141 -15.52 -27.92 -13.92
N HIS B 142 -16.52 -27.24 -13.34
CA HIS B 142 -17.73 -27.98 -12.93
C HIS B 142 -18.81 -28.12 -13.97
N ALA B 143 -18.78 -27.31 -15.04
CA ALA B 143 -19.87 -27.38 -16.03
C ALA B 143 -20.01 -28.77 -16.65
N LYS B 144 -21.26 -29.22 -16.76
CA LYS B 144 -21.58 -30.54 -17.29
C LYS B 144 -22.11 -30.42 -18.72
N LYS B 145 -22.22 -31.56 -19.42
CA LYS B 145 -22.71 -31.60 -20.80
C LYS B 145 -24.02 -30.85 -21.00
N SER B 146 -24.99 -31.04 -20.10
CA SER B 146 -26.28 -30.38 -20.23
CA SER B 146 -26.27 -30.35 -20.24
C SER B 146 -26.73 -29.65 -18.98
N GLU B 147 -25.78 -29.15 -18.15
CA GLU B 147 -26.18 -28.41 -16.95
C GLU B 147 -25.05 -27.58 -16.37
N ALA B 148 -25.43 -26.48 -15.76
CA ALA B 148 -24.49 -25.58 -15.10
C ALA B 148 -24.23 -26.14 -13.70
N SER B 149 -23.08 -25.77 -13.09
CA SER B 149 -22.77 -26.22 -11.75
C SER B 149 -21.63 -25.43 -11.18
N GLY B 150 -21.72 -25.14 -9.88
CA GLY B 150 -20.65 -24.49 -9.13
C GLY B 150 -20.01 -23.29 -9.78
N PHE B 151 -20.85 -22.32 -10.17
CA PHE B 151 -20.43 -21.04 -10.80
C PHE B 151 -19.94 -21.18 -12.25
N CYS B 152 -19.97 -22.40 -12.82
CA CYS B 152 -19.53 -22.72 -14.17
C CYS B 152 -20.70 -23.01 -15.08
N TYR B 153 -20.66 -22.48 -16.30
CA TYR B 153 -21.77 -22.70 -17.25
C TYR B 153 -21.31 -23.51 -18.46
N VAL B 154 -20.16 -23.15 -19.05
CA VAL B 154 -19.63 -23.85 -20.20
C VAL B 154 -18.26 -24.35 -19.79
N ASN B 155 -18.01 -25.63 -20.01
CA ASN B 155 -16.74 -26.23 -19.60
C ASN B 155 -15.70 -25.94 -20.66
N ASP B 156 -15.05 -24.79 -20.53
CA ASP B 156 -14.00 -24.38 -21.46
C ASP B 156 -12.83 -25.38 -21.43
N ILE B 157 -12.61 -26.07 -20.29
CA ILE B 157 -11.49 -27.02 -20.20
C ILE B 157 -11.75 -28.22 -21.10
N VAL B 158 -12.95 -28.80 -21.04
CA VAL B 158 -13.30 -29.95 -21.87
C VAL B 158 -13.19 -29.57 -23.34
N LEU B 159 -13.68 -28.37 -23.71
CA LEU B 159 -13.61 -27.91 -25.10
C LEU B 159 -12.14 -27.75 -25.56
N ALA B 160 -11.28 -27.20 -24.68
CA ALA B 160 -9.85 -27.06 -24.99
C ALA B 160 -9.16 -28.42 -25.12
N ILE B 161 -9.54 -29.38 -24.28
CA ILE B 161 -8.95 -30.72 -24.33
C ILE B 161 -9.40 -31.41 -25.62
N LEU B 162 -10.66 -31.25 -26.01
CA LEU B 162 -11.14 -31.83 -27.28
C LEU B 162 -10.32 -31.24 -28.47
N GLU B 163 -9.99 -29.95 -28.39
CA GLU B 163 -9.18 -29.30 -29.42
CA GLU B 163 -9.19 -29.29 -29.41
C GLU B 163 -7.78 -29.90 -29.41
N LEU B 164 -7.16 -30.03 -28.23
CA LEU B 164 -5.82 -30.64 -28.15
C LEU B 164 -5.84 -32.09 -28.66
N LEU B 165 -6.94 -32.84 -28.42
CA LEU B 165 -7.05 -34.24 -28.87
C LEU B 165 -7.00 -34.39 -30.41
N LYS B 166 -7.22 -33.28 -31.16
CA LYS B 166 -7.11 -33.36 -32.64
C LYS B 166 -5.64 -33.65 -33.05
N TYR B 167 -4.68 -33.18 -32.26
CA TYR B 167 -3.27 -33.33 -32.55
C TYR B 167 -2.49 -34.21 -31.60
N HIS B 168 -3.03 -34.43 -30.39
CA HIS B 168 -2.34 -35.18 -29.33
C HIS B 168 -3.02 -36.46 -28.95
N GLN B 169 -2.31 -37.60 -29.01
CA GLN B 169 -2.91 -38.89 -28.67
C GLN B 169 -3.32 -38.94 -27.18
N ARG B 170 -2.45 -38.45 -26.32
CA ARG B 170 -2.69 -38.47 -24.87
C ARG B 170 -2.51 -37.06 -24.29
N VAL B 171 -3.53 -36.61 -23.57
CA VAL B 171 -3.52 -35.30 -22.92
C VAL B 171 -3.64 -35.47 -21.41
N LEU B 172 -2.79 -34.79 -20.63
CA LEU B 172 -2.85 -34.85 -19.19
C LEU B 172 -3.52 -33.57 -18.65
N TYR B 173 -4.51 -33.72 -17.80
CA TYR B 173 -5.19 -32.60 -17.15
C TYR B 173 -4.83 -32.65 -15.65
N ILE B 174 -4.35 -31.53 -15.08
CA ILE B 174 -3.98 -31.46 -13.65
C ILE B 174 -4.78 -30.30 -13.06
N ASP B 175 -5.44 -30.52 -11.92
CA ASP B 175 -6.31 -29.53 -11.32
C ASP B 175 -5.92 -29.27 -9.86
N ILE B 176 -5.43 -28.05 -9.56
CA ILE B 176 -5.02 -27.67 -8.20
C ILE B 176 -5.99 -26.70 -7.52
N ASP B 177 -7.22 -26.57 -8.08
CA ASP B 177 -8.30 -25.82 -7.43
C ASP B 177 -8.64 -26.63 -6.15
N ILE B 178 -9.12 -25.96 -5.10
CA ILE B 178 -9.48 -26.71 -3.87
C ILE B 178 -10.67 -27.65 -4.11
N HIS B 179 -11.51 -27.38 -5.13
CA HIS B 179 -12.66 -28.26 -5.41
C HIS B 179 -12.30 -29.31 -6.46
N HIS B 180 -12.89 -30.52 -6.32
CA HIS B 180 -12.66 -31.58 -7.30
C HIS B 180 -13.09 -31.14 -8.73
N GLY B 181 -12.27 -31.42 -9.74
CA GLY B 181 -12.61 -31.08 -11.14
C GLY B 181 -13.53 -32.13 -11.73
N ASP B 182 -14.76 -32.20 -11.21
CA ASP B 182 -15.74 -33.21 -11.59
C ASP B 182 -16.24 -33.17 -13.02
N GLY B 183 -16.48 -31.97 -13.57
CA GLY B 183 -16.99 -31.88 -14.93
C GLY B 183 -15.98 -32.40 -15.94
N VAL B 184 -14.69 -32.11 -15.71
CA VAL B 184 -13.64 -32.57 -16.60
C VAL B 184 -13.43 -34.09 -16.42
N GLU B 185 -13.38 -34.56 -15.16
CA GLU B 185 -13.24 -35.99 -14.90
C GLU B 185 -14.38 -36.80 -15.55
N GLU B 186 -15.62 -36.37 -15.36
CA GLU B 186 -16.78 -37.06 -15.95
C GLU B 186 -16.75 -37.09 -17.47
N ALA B 187 -16.38 -35.97 -18.11
CA ALA B 187 -16.33 -35.93 -19.58
C ALA B 187 -15.42 -37.00 -20.19
N PHE B 188 -14.27 -37.28 -19.54
CA PHE B 188 -13.29 -38.24 -20.04
C PHE B 188 -13.15 -39.53 -19.20
N TYR B 189 -14.13 -39.81 -18.35
CA TYR B 189 -14.08 -40.94 -17.43
C TYR B 189 -13.86 -42.30 -18.08
N THR B 190 -14.39 -42.51 -19.29
CA THR B 190 -14.26 -43.82 -19.95
C THR B 190 -13.23 -43.85 -21.09
N THR B 191 -12.34 -42.86 -21.16
CA THR B 191 -11.30 -42.86 -22.19
C THR B 191 -9.91 -42.84 -21.57
N ASP B 192 -8.99 -43.48 -22.28
CA ASP B 192 -7.58 -43.48 -21.92
C ASP B 192 -6.84 -42.36 -22.66
N ARG B 193 -7.53 -41.55 -23.49
CA ARG B 193 -6.87 -40.46 -24.21
C ARG B 193 -6.69 -39.20 -23.38
N VAL B 194 -7.29 -39.17 -22.19
CA VAL B 194 -7.13 -38.08 -21.27
C VAL B 194 -6.90 -38.71 -19.89
N MET B 195 -5.86 -38.27 -19.18
CA MET B 195 -5.68 -38.66 -17.80
C MET B 195 -6.06 -37.41 -16.99
N THR B 196 -6.95 -37.54 -16.00
CA THR B 196 -7.34 -36.40 -15.17
C THR B 196 -6.77 -36.62 -13.77
N VAL B 197 -6.05 -35.61 -13.25
CA VAL B 197 -5.43 -35.70 -11.93
C VAL B 197 -5.93 -34.52 -11.11
N SER B 198 -6.68 -34.78 -10.01
CA SER B 198 -7.20 -33.70 -9.17
C SER B 198 -6.73 -33.80 -7.74
N PHE B 199 -6.27 -32.66 -7.15
CA PHE B 199 -5.86 -32.56 -5.73
C PHE B 199 -6.89 -31.64 -5.15
N HIS B 200 -7.65 -32.09 -4.15
CA HIS B 200 -8.75 -31.25 -3.65
C HIS B 200 -9.17 -31.61 -2.25
N LYS B 201 -9.92 -30.74 -1.61
CA LYS B 201 -10.45 -31.03 -0.28
CA LYS B 201 -10.45 -31.03 -0.28
C LYS B 201 -11.58 -32.03 -0.50
N TYR B 202 -11.64 -33.08 0.32
CA TYR B 202 -12.68 -34.09 0.18
C TYR B 202 -13.26 -34.36 1.57
N GLY B 203 -14.59 -34.39 1.64
CA GLY B 203 -15.30 -34.62 2.91
C GLY B 203 -16.12 -33.42 3.31
N GLU B 204 -17.46 -33.53 3.26
CA GLU B 204 -18.39 -32.41 3.57
C GLU B 204 -18.00 -31.15 2.79
N TYR B 205 -17.77 -31.33 1.47
CA TYR B 205 -17.30 -30.21 0.66
C TYR B 205 -17.71 -30.39 -0.79
N PHE B 206 -18.10 -29.29 -1.41
CA PHE B 206 -18.55 -29.33 -2.81
C PHE B 206 -17.44 -29.81 -3.75
N PRO B 207 -17.75 -30.60 -4.81
CA PRO B 207 -19.05 -31.13 -5.21
C PRO B 207 -19.40 -32.50 -4.61
N GLY B 208 -18.61 -32.99 -3.66
CA GLY B 208 -18.86 -34.29 -3.03
C GLY B 208 -18.27 -35.49 -3.75
N THR B 209 -17.56 -35.25 -4.85
CA THR B 209 -16.96 -36.31 -5.65
C THR B 209 -15.42 -36.27 -5.54
N GLY B 210 -14.74 -37.18 -6.23
CA GLY B 210 -13.28 -37.21 -6.20
C GLY B 210 -12.72 -38.04 -5.08
N ASP B 211 -13.38 -39.17 -4.79
CA ASP B 211 -12.89 -40.08 -3.78
C ASP B 211 -11.62 -40.76 -4.35
N LEU B 212 -10.74 -41.21 -3.46
CA LEU B 212 -9.51 -41.93 -3.81
C LEU B 212 -9.85 -43.15 -4.72
N ARG B 213 -11.01 -43.77 -4.50
CA ARG B 213 -11.47 -44.96 -5.24
C ARG B 213 -12.10 -44.66 -6.61
N ASP B 214 -12.22 -43.38 -6.98
CA ASP B 214 -12.77 -43.01 -8.29
C ASP B 214 -11.56 -42.99 -9.22
N ILE B 215 -11.33 -44.10 -9.92
CA ILE B 215 -10.17 -44.23 -10.79
C ILE B 215 -10.48 -44.36 -12.27
N GLY B 216 -11.73 -44.22 -12.67
CA GLY B 216 -12.10 -44.34 -14.08
C GLY B 216 -12.90 -45.60 -14.35
N ALA B 217 -13.48 -45.73 -15.55
CA ALA B 217 -14.26 -46.92 -15.91
C ALA B 217 -14.01 -47.34 -17.35
N GLY B 218 -14.20 -48.64 -17.64
CA GLY B 218 -13.99 -49.18 -18.98
C GLY B 218 -12.58 -48.96 -19.47
N LYS B 219 -12.43 -48.45 -20.70
CA LYS B 219 -11.09 -48.16 -21.24
C LYS B 219 -10.37 -47.06 -20.38
N GLY B 220 -11.15 -46.26 -19.65
CA GLY B 220 -10.62 -45.22 -18.78
C GLY B 220 -10.18 -45.68 -17.40
N LYS B 221 -10.30 -46.99 -17.07
CA LYS B 221 -9.89 -47.48 -15.75
C LYS B 221 -8.40 -47.21 -15.54
N TYR B 222 -8.05 -46.52 -14.43
CA TYR B 222 -6.71 -46.09 -14.04
C TYR B 222 -6.30 -44.74 -14.68
N TYR B 223 -7.18 -44.13 -15.47
CA TYR B 223 -6.88 -42.84 -16.11
C TYR B 223 -7.51 -41.63 -15.40
N ALA B 224 -8.06 -41.83 -14.20
CA ALA B 224 -8.60 -40.76 -13.36
C ALA B 224 -7.90 -40.94 -12.02
N VAL B 225 -7.25 -39.87 -11.51
CA VAL B 225 -6.48 -39.88 -10.28
C VAL B 225 -7.03 -38.80 -9.39
N ASN B 226 -7.36 -39.16 -8.14
CA ASN B 226 -7.90 -38.22 -7.20
C ASN B 226 -7.13 -38.30 -5.89
N PHE B 227 -6.61 -37.14 -5.42
CA PHE B 227 -5.90 -37.07 -4.15
C PHE B 227 -6.77 -36.24 -3.19
N PRO B 228 -7.55 -36.94 -2.35
CA PRO B 228 -8.40 -36.23 -1.39
C PRO B 228 -7.61 -35.73 -0.19
N MET B 229 -7.86 -34.48 0.19
N MET B 229 -7.85 -34.46 0.17
CA MET B 229 -7.16 -33.86 1.31
CA MET B 229 -7.16 -33.77 1.25
C MET B 229 -8.11 -33.25 2.34
C MET B 229 -8.10 -33.20 2.33
N ARG B 230 -7.56 -32.97 3.53
CA ARG B 230 -8.29 -32.36 4.61
C ARG B 230 -7.82 -30.89 4.70
N ASP B 231 -8.46 -30.11 5.58
CA ASP B 231 -8.11 -28.72 5.78
C ASP B 231 -6.68 -28.52 6.19
N GLY B 232 -6.15 -27.34 5.88
CA GLY B 232 -4.85 -26.96 6.40
C GLY B 232 -3.59 -27.39 5.72
N ILE B 233 -3.67 -28.03 4.54
N ILE B 233 -3.67 -28.03 4.54
CA ILE B 233 -2.45 -28.44 3.82
CA ILE B 233 -2.46 -28.43 3.83
C ILE B 233 -1.56 -27.21 3.55
C ILE B 233 -1.56 -27.22 3.55
N ASP B 234 -0.26 -27.37 3.76
CA ASP B 234 0.67 -26.26 3.60
C ASP B 234 1.64 -26.49 2.45
N ASP B 235 2.51 -25.50 2.15
CA ASP B 235 3.44 -25.60 1.03
C ASP B 235 4.31 -26.85 1.05
N GLU B 236 4.91 -27.15 2.19
CA GLU B 236 5.82 -28.27 2.32
C GLU B 236 5.09 -29.58 2.06
N SER B 237 3.95 -29.81 2.71
CA SER B 237 3.18 -31.04 2.53
CA SER B 237 3.20 -31.05 2.52
C SER B 237 2.62 -31.21 1.12
N TYR B 238 2.10 -30.12 0.54
CA TYR B 238 1.53 -30.20 -0.82
C TYR B 238 2.65 -30.49 -1.83
N GLY B 239 3.77 -29.79 -1.69
CA GLY B 239 4.92 -29.93 -2.57
C GLY B 239 5.48 -31.33 -2.59
N GLN B 240 5.57 -31.94 -1.39
CA GLN B 240 6.08 -33.30 -1.18
C GLN B 240 5.26 -34.38 -1.87
N ILE B 241 3.96 -34.15 -2.13
CA ILE B 241 3.16 -35.14 -2.86
C ILE B 241 2.92 -34.76 -4.32
N PHE B 242 2.87 -33.45 -4.63
CA PHE B 242 2.61 -33.04 -6.02
C PHE B 242 3.71 -33.51 -6.96
N LYS B 243 4.97 -33.17 -6.64
CA LYS B 243 6.07 -33.54 -7.54
C LYS B 243 6.19 -35.06 -7.77
N PRO B 244 6.21 -35.92 -6.73
CA PRO B 244 6.30 -37.38 -7.01
C PRO B 244 5.10 -37.93 -7.77
N ILE B 245 3.87 -37.47 -7.45
CA ILE B 245 2.69 -37.97 -8.17
C ILE B 245 2.73 -37.55 -9.65
N ILE B 246 2.96 -36.26 -9.92
CA ILE B 246 3.03 -35.79 -11.31
C ILE B 246 4.21 -36.46 -12.06
N SER B 247 5.36 -36.68 -11.40
CA SER B 247 6.50 -37.35 -12.05
C SER B 247 6.15 -38.78 -12.44
N LYS B 248 5.43 -39.50 -11.57
CA LYS B 248 5.02 -40.88 -11.87
C LYS B 248 4.01 -40.90 -13.00
N VAL B 249 3.05 -39.95 -12.98
CA VAL B 249 2.05 -39.81 -14.04
C VAL B 249 2.75 -39.55 -15.37
N MET B 250 3.73 -38.64 -15.40
CA MET B 250 4.47 -38.33 -16.63
C MET B 250 5.21 -39.58 -17.15
N GLU B 251 5.87 -40.30 -16.24
CA GLU B 251 6.62 -41.51 -16.60
C GLU B 251 5.73 -42.61 -17.18
N MET B 252 4.60 -42.88 -16.54
CA MET B 252 3.70 -43.94 -16.99
C MET B 252 2.81 -43.57 -18.18
N TYR B 253 2.23 -42.36 -18.15
CA TYR B 253 1.28 -41.95 -19.16
C TYR B 253 1.89 -41.33 -20.40
N GLN B 254 3.06 -40.69 -20.28
CA GLN B 254 3.75 -40.02 -21.40
C GLN B 254 2.81 -39.16 -22.26
N PRO B 255 2.15 -38.18 -21.64
CA PRO B 255 1.24 -37.31 -22.42
C PRO B 255 2.03 -36.40 -23.39
N SER B 256 1.40 -35.95 -24.48
CA SER B 256 2.11 -35.02 -25.39
C SER B 256 1.70 -33.55 -25.21
N ALA B 257 0.69 -33.29 -24.37
CA ALA B 257 0.23 -31.94 -24.03
C ALA B 257 -0.36 -31.98 -22.61
N VAL B 258 -0.33 -30.82 -21.93
CA VAL B 258 -0.82 -30.75 -20.56
C VAL B 258 -1.73 -29.55 -20.37
N VAL B 259 -2.81 -29.72 -19.62
CA VAL B 259 -3.70 -28.61 -19.27
C VAL B 259 -3.64 -28.51 -17.75
N LEU B 260 -3.29 -27.34 -17.20
CA LEU B 260 -3.18 -27.14 -15.76
C LEU B 260 -4.21 -26.11 -15.29
N GLN B 261 -5.20 -26.53 -14.49
CA GLN B 261 -6.20 -25.62 -13.96
C GLN B 261 -5.57 -25.10 -12.64
N CYS B 262 -5.41 -23.78 -12.55
CA CYS B 262 -4.74 -23.09 -11.44
C CYS B 262 -5.68 -22.39 -10.48
N GLY B 263 -6.83 -22.98 -10.15
CA GLY B 263 -7.77 -22.34 -9.20
C GLY B 263 -7.07 -21.89 -7.93
N ALA B 264 -7.18 -20.58 -7.61
CA ALA B 264 -6.50 -19.95 -6.48
C ALA B 264 -7.22 -20.07 -5.15
N ASP B 265 -8.32 -20.81 -5.10
CA ASP B 265 -9.03 -21.02 -3.85
C ASP B 265 -8.33 -22.04 -2.91
N SER B 266 -7.20 -22.64 -3.35
CA SER B 266 -6.38 -23.52 -2.52
C SER B 266 -5.35 -22.65 -1.70
N LEU B 267 -5.38 -21.30 -1.84
CA LEU B 267 -4.49 -20.41 -1.11
C LEU B 267 -5.00 -20.16 0.30
N SER B 268 -4.08 -19.92 1.22
CA SER B 268 -4.37 -19.56 2.60
C SER B 268 -5.26 -18.29 2.60
N GLY B 269 -6.28 -18.27 3.45
CA GLY B 269 -7.13 -17.09 3.57
C GLY B 269 -8.22 -16.95 2.53
N ASP B 270 -8.40 -17.96 1.66
CA ASP B 270 -9.46 -17.88 0.66
C ASP B 270 -10.83 -17.83 1.33
N ARG B 271 -11.74 -17.03 0.79
CA ARG B 271 -13.08 -16.89 1.36
C ARG B 271 -13.86 -18.20 1.44
N LEU B 272 -13.70 -19.11 0.48
N LEU B 272 -13.70 -19.09 0.45
CA LEU B 272 -14.41 -20.38 0.52
CA LEU B 272 -14.41 -20.39 0.36
C LEU B 272 -13.48 -21.54 0.92
C LEU B 272 -13.53 -21.61 0.66
N GLY B 273 -12.22 -21.44 0.54
CA GLY B 273 -11.25 -22.50 0.78
C GLY B 273 -10.71 -22.61 2.20
N CYS B 274 -10.27 -23.80 2.53
CA CYS B 274 -9.75 -24.17 3.82
C CYS B 274 -8.32 -24.73 3.77
N PHE B 275 -7.55 -24.41 2.71
CA PHE B 275 -6.14 -24.82 2.59
C PHE B 275 -5.25 -23.69 3.12
N ASN B 276 -3.94 -23.94 3.23
CA ASN B 276 -2.98 -23.00 3.78
C ASN B 276 -1.74 -22.84 2.90
N LEU B 277 -1.94 -22.82 1.55
CA LEU B 277 -0.82 -22.62 0.64
C LEU B 277 -0.51 -21.15 0.46
N THR B 278 0.78 -20.83 0.21
CA THR B 278 1.14 -19.46 -0.13
C THR B 278 1.12 -19.37 -1.69
N VAL B 279 1.36 -18.17 -2.24
CA VAL B 279 1.48 -18.01 -3.68
C VAL B 279 2.69 -18.81 -4.19
N LYS B 280 3.80 -18.85 -3.43
CA LYS B 280 4.96 -19.65 -3.82
C LYS B 280 4.64 -21.15 -3.85
N GLY B 281 3.92 -21.63 -2.85
CA GLY B 281 3.55 -23.03 -2.79
C GLY B 281 2.63 -23.45 -3.93
N HIS B 282 1.70 -22.55 -4.28
CA HIS B 282 0.75 -22.81 -5.36
C HIS B 282 1.53 -22.78 -6.71
N ALA B 283 2.38 -21.76 -6.91
CA ALA B 283 3.20 -21.58 -8.13
C ALA B 283 4.24 -22.68 -8.32
N LYS B 284 4.67 -23.36 -7.23
CA LYS B 284 5.60 -24.49 -7.33
C LYS B 284 4.99 -25.57 -8.26
N CYS B 285 3.64 -25.68 -8.31
CA CYS B 285 2.98 -26.62 -9.20
C CYS B 285 3.24 -26.29 -10.67
N VAL B 286 3.18 -25.00 -11.03
CA VAL B 286 3.45 -24.54 -12.39
C VAL B 286 4.91 -24.85 -12.71
N GLU B 287 5.82 -24.55 -11.78
CA GLU B 287 7.24 -24.81 -11.95
CA GLU B 287 7.24 -24.81 -11.96
C GLU B 287 7.50 -26.31 -12.24
N VAL B 288 6.93 -27.22 -11.42
CA VAL B 288 7.10 -28.65 -11.61
C VAL B 288 6.59 -29.12 -12.98
N VAL B 289 5.36 -28.68 -13.37
CA VAL B 289 4.80 -29.06 -14.65
C VAL B 289 5.69 -28.56 -15.81
N LYS B 290 6.23 -27.35 -15.69
CA LYS B 290 7.09 -26.81 -16.75
C LYS B 290 8.38 -27.61 -16.98
N THR B 291 8.89 -28.30 -15.96
CA THR B 291 10.12 -29.09 -16.11
C THR B 291 10.00 -30.20 -17.13
N PHE B 292 8.78 -30.64 -17.46
CA PHE B 292 8.60 -31.71 -18.44
C PHE B 292 8.64 -31.26 -19.90
N ASN B 293 8.76 -29.94 -20.15
CA ASN B 293 8.87 -29.33 -21.47
C ASN B 293 7.82 -29.80 -22.47
N LEU B 294 6.56 -29.82 -22.04
CA LEU B 294 5.47 -30.20 -22.91
C LEU B 294 4.59 -28.99 -23.18
N PRO B 295 3.88 -28.96 -24.33
CA PRO B 295 2.93 -27.87 -24.61
C PRO B 295 1.97 -27.77 -23.43
N LEU B 296 1.80 -26.55 -22.90
CA LEU B 296 1.00 -26.37 -21.69
C LEU B 296 -0.03 -25.26 -21.78
N LEU B 297 -1.28 -25.57 -21.43
CA LEU B 297 -2.35 -24.58 -21.39
C LEU B 297 -2.62 -24.35 -19.89
N MET B 298 -2.45 -23.12 -19.41
CA MET B 298 -2.65 -22.77 -17.99
C MET B 298 -3.94 -22.00 -17.88
N LEU B 299 -4.87 -22.47 -17.05
CA LEU B 299 -6.17 -21.82 -16.91
C LEU B 299 -6.43 -21.35 -15.48
N GLY B 300 -7.43 -20.49 -15.31
CA GLY B 300 -7.83 -20.00 -14.00
C GLY B 300 -8.75 -21.02 -13.33
N GLY B 301 -9.72 -20.53 -12.58
CA GLY B 301 -10.66 -21.38 -11.87
C GLY B 301 -11.19 -20.63 -10.68
N GLY B 302 -11.28 -21.28 -9.53
CA GLY B 302 -11.74 -20.64 -8.32
C GLY B 302 -10.76 -19.61 -7.77
N GLY B 303 -11.13 -18.98 -6.67
CA GLY B 303 -10.31 -17.93 -6.05
C GLY B 303 -11.27 -16.84 -5.65
N TYR B 304 -11.45 -16.68 -4.33
CA TYR B 304 -12.50 -15.81 -3.83
C TYR B 304 -12.06 -14.70 -2.88
N THR B 305 -10.74 -14.58 -2.58
CA THR B 305 -10.18 -13.41 -1.83
C THR B 305 -9.41 -12.79 -2.97
N ILE B 306 -10.07 -11.90 -3.69
CA ILE B 306 -9.60 -11.42 -4.97
C ILE B 306 -8.22 -10.76 -4.97
N ARG B 307 -7.78 -10.05 -3.90
CA ARG B 307 -6.39 -9.52 -3.96
C ARG B 307 -5.38 -10.70 -4.03
N ASN B 308 -5.69 -11.84 -3.37
CA ASN B 308 -4.79 -12.98 -3.39
C ASN B 308 -4.82 -13.71 -4.73
N VAL B 309 -5.97 -13.71 -5.42
CA VAL B 309 -6.10 -14.32 -6.74
C VAL B 309 -5.21 -13.54 -7.73
N ALA B 310 -5.26 -12.19 -7.67
CA ALA B 310 -4.45 -11.34 -8.54
C ALA B 310 -2.98 -11.58 -8.26
N ARG B 311 -2.59 -11.69 -6.99
CA ARG B 311 -1.17 -11.96 -6.67
C ARG B 311 -0.76 -13.32 -7.27
N CYS B 312 -1.59 -14.32 -7.05
CA CYS B 312 -1.30 -15.68 -7.48
C CYS B 312 -1.10 -15.79 -8.99
N TRP B 313 -2.08 -15.29 -9.76
CA TRP B 313 -2.01 -15.45 -11.20
C TRP B 313 -0.97 -14.53 -11.82
N THR B 314 -0.66 -13.39 -11.16
CA THR B 314 0.42 -12.52 -11.65
C THR B 314 1.74 -13.28 -11.48
N TYR B 315 1.94 -13.90 -10.29
CA TYR B 315 3.18 -14.64 -10.04
C TYR B 315 3.32 -15.84 -10.96
N GLU B 316 2.23 -16.55 -11.19
CA GLU B 316 2.23 -17.72 -12.08
C GLU B 316 2.50 -17.34 -13.54
N THR B 317 2.08 -16.13 -13.95
CA THR B 317 2.36 -15.65 -15.31
C THR B 317 3.88 -15.37 -15.37
N ALA B 318 4.46 -14.76 -14.32
CA ALA B 318 5.91 -14.52 -14.25
C ALA B 318 6.66 -15.86 -14.29
N VAL B 319 6.15 -16.89 -13.59
CA VAL B 319 6.79 -18.23 -13.59
C VAL B 319 6.78 -18.78 -15.04
N ALA B 320 5.63 -18.65 -15.73
CA ALA B 320 5.52 -19.12 -17.11
C ALA B 320 6.55 -18.43 -18.03
N LEU B 321 6.81 -17.16 -17.78
CA LEU B 321 7.75 -16.33 -18.55
C LEU B 321 9.20 -16.50 -18.08
N ASP B 322 9.44 -17.26 -16.99
CA ASP B 322 10.78 -17.46 -16.45
C ASP B 322 11.40 -16.15 -16.00
N CYS B 323 10.59 -15.26 -15.41
CA CYS B 323 10.99 -13.93 -14.94
CA CYS B 323 11.15 -14.03 -14.88
C CYS B 323 10.73 -13.81 -13.45
N GLU B 324 11.67 -13.29 -12.67
CA GLU B 324 11.36 -13.07 -11.27
C GLU B 324 10.85 -11.63 -11.20
N ILE B 325 9.97 -11.39 -10.26
CA ILE B 325 9.39 -10.08 -10.07
C ILE B 325 9.53 -9.74 -8.59
N PRO B 326 9.73 -8.46 -8.27
CA PRO B 326 9.90 -8.09 -6.87
C PRO B 326 8.66 -8.28 -6.00
N ASN B 327 8.89 -8.50 -4.70
CA ASN B 327 7.81 -8.64 -3.74
C ASN B 327 7.08 -7.30 -3.56
N GLU B 328 7.79 -6.16 -3.77
CA GLU B 328 7.19 -4.85 -3.68
C GLU B 328 6.20 -4.66 -4.86
N LEU B 329 4.89 -4.51 -4.57
CA LEU B 329 3.94 -4.33 -5.66
C LEU B 329 4.16 -2.99 -6.34
N PRO B 330 4.06 -2.95 -7.67
CA PRO B 330 4.14 -1.68 -8.37
C PRO B 330 2.80 -0.96 -8.16
N TYR B 331 2.80 0.38 -8.36
CA TYR B 331 1.54 1.12 -8.30
C TYR B 331 0.64 0.61 -9.45
N ASN B 332 -0.66 0.50 -9.20
CA ASN B 332 -1.60 -0.01 -10.18
C ASN B 332 -3.00 0.54 -9.89
N ASP B 333 -3.94 0.28 -10.83
CA ASP B 333 -5.32 0.77 -10.73
C ASP B 333 -6.05 0.33 -9.48
N TYR B 334 -5.61 -0.76 -8.85
CA TYR B 334 -6.29 -1.29 -7.67
C TYR B 334 -5.34 -1.38 -6.49
N PHE B 335 -4.37 -0.47 -6.42
CA PHE B 335 -3.33 -0.52 -5.39
C PHE B 335 -3.86 -0.66 -3.98
N GLU B 336 -4.91 0.11 -3.64
CA GLU B 336 -5.51 0.07 -2.31
C GLU B 336 -6.10 -1.30 -1.93
N TYR B 337 -6.37 -2.18 -2.92
CA TYR B 337 -6.90 -3.51 -2.59
C TYR B 337 -5.81 -4.38 -1.95
N PHE B 338 -4.53 -4.06 -2.14
CA PHE B 338 -3.43 -4.90 -1.67
C PHE B 338 -2.87 -4.50 -0.30
N GLY B 339 -3.60 -3.64 0.43
CA GLY B 339 -3.19 -3.29 1.77
C GLY B 339 -3.45 -4.47 2.70
N PRO B 340 -2.87 -4.47 3.93
CA PRO B 340 -2.05 -3.40 4.53
C PRO B 340 -0.59 -3.35 4.13
N ASP B 341 -0.10 -4.44 3.54
CA ASP B 341 1.31 -4.64 3.22
C ASP B 341 1.79 -4.23 1.84
N PHE B 342 0.90 -4.31 0.82
CA PHE B 342 1.25 -3.98 -0.57
C PHE B 342 2.39 -4.84 -1.10
N LYS B 343 2.42 -6.12 -0.69
CA LYS B 343 3.44 -7.09 -1.15
C LYS B 343 2.76 -8.11 -2.08
N LEU B 344 3.56 -8.78 -2.89
CA LEU B 344 3.03 -9.79 -3.82
C LEU B 344 2.78 -11.10 -3.08
N HIS B 345 3.74 -11.51 -2.24
CA HIS B 345 3.68 -12.80 -1.55
C HIS B 345 2.89 -12.76 -0.26
N ILE B 346 2.26 -13.90 0.06
CA ILE B 346 1.44 -13.97 1.26
C ILE B 346 2.05 -14.96 2.26
N SER B 347 1.67 -14.79 3.53
CA SER B 347 2.16 -15.65 4.58
C SER B 347 1.10 -16.68 4.90
N PRO B 348 1.50 -17.87 5.33
CA PRO B 348 0.51 -18.86 5.73
C PRO B 348 -0.05 -18.47 7.11
N SER B 349 -1.20 -19.03 7.44
CA SER B 349 -1.82 -18.78 8.74
C SER B 349 -1.35 -19.85 9.76
N ASN B 350 -1.83 -19.75 11.01
CA ASN B 350 -1.51 -20.74 12.03
C ASN B 350 -2.53 -21.90 12.04
N MET B 351 -3.33 -22.07 10.96
CA MET B 351 -4.31 -23.16 10.96
C MET B 351 -3.62 -24.54 11.02
N THR B 352 -4.23 -25.47 11.74
CA THR B 352 -3.69 -26.81 11.88
C THR B 352 -3.75 -27.52 10.52
N ASN B 353 -2.68 -28.23 10.16
CA ASN B 353 -2.68 -29.03 8.95
C ASN B 353 -3.24 -30.40 9.38
N GLN B 354 -4.47 -30.71 9.00
CA GLN B 354 -5.09 -31.98 9.35
C GLN B 354 -4.59 -33.17 8.52
N ASN B 355 -3.76 -32.92 7.48
CA ASN B 355 -3.19 -33.96 6.66
C ASN B 355 -1.92 -34.40 7.34
N THR B 356 -2.01 -35.43 8.18
CA THR B 356 -0.82 -35.94 8.87
C THR B 356 0.20 -36.49 7.87
N PRO B 357 1.48 -36.57 8.24
CA PRO B 357 2.47 -37.14 7.32
C PRO B 357 2.14 -38.57 6.90
N GLU B 358 1.58 -39.37 7.84
CA GLU B 358 1.23 -40.74 7.54
C GLU B 358 0.03 -40.82 6.60
N TYR B 359 -0.93 -39.90 6.76
CA TYR B 359 -2.12 -39.82 5.88
C TYR B 359 -1.62 -39.53 4.44
N MET B 360 -0.74 -38.54 4.29
CA MET B 360 -0.21 -38.17 2.97
C MET B 360 0.55 -39.30 2.31
N GLU B 361 1.42 -39.99 3.07
CA GLU B 361 2.18 -41.10 2.49
C GLU B 361 1.31 -42.29 2.16
N LYS B 362 0.27 -42.54 2.98
CA LYS B 362 -0.62 -43.67 2.72
C LYS B 362 -1.42 -43.47 1.42
N ILE B 363 -1.97 -42.26 1.23
CA ILE B 363 -2.71 -41.94 0.02
C ILE B 363 -1.78 -41.99 -1.19
N LYS B 364 -0.57 -41.42 -1.06
CA LYS B 364 0.42 -41.45 -2.14
C LYS B 364 0.74 -42.90 -2.56
N GLN B 365 0.87 -43.80 -1.57
CA GLN B 365 1.16 -45.21 -1.87
C GLN B 365 0.01 -45.86 -2.60
N ARG B 366 -1.24 -45.63 -2.17
CA ARG B 366 -2.40 -46.20 -2.85
C ARG B 366 -2.48 -45.67 -4.32
N LEU B 367 -2.16 -44.37 -4.54
CA LEU B 367 -2.17 -43.82 -5.90
C LEU B 367 -1.04 -44.43 -6.73
N PHE B 368 0.13 -44.62 -6.12
CA PHE B 368 1.27 -45.23 -6.82
C PHE B 368 0.90 -46.67 -7.27
N GLU B 369 0.09 -47.38 -6.48
CA GLU B 369 -0.37 -48.73 -6.82
C GLU B 369 -1.26 -48.69 -8.06
N ASN B 370 -2.16 -47.69 -8.14
CA ASN B 370 -3.03 -47.54 -9.29
C ASN B 370 -2.22 -47.12 -10.51
N LEU B 371 -1.23 -46.25 -10.33
CA LEU B 371 -0.40 -45.79 -11.46
C LEU B 371 0.43 -46.94 -12.05
N ARG B 372 0.84 -47.90 -11.21
CA ARG B 372 1.59 -49.05 -11.70
C ARG B 372 0.73 -50.00 -12.55
N MET B 373 -0.61 -49.90 -12.44
CA MET B 373 -1.53 -50.70 -13.22
C MET B 373 -1.72 -50.16 -14.65
N LEU B 374 -1.05 -49.06 -15.04
CA LEU B 374 -1.16 -48.50 -16.39
C LEU B 374 -0.30 -49.29 -17.38
N PRO B 375 -0.79 -49.46 -18.63
CA PRO B 375 0.01 -50.20 -19.63
C PRO B 375 1.26 -49.47 -20.05
N LYS C 9 11.22 -21.86 36.66
CA LYS C 9 10.01 -22.45 36.07
C LYS C 9 9.78 -21.94 34.64
N LYS C 10 10.05 -20.64 34.40
CA LYS C 10 9.87 -20.07 33.07
C LYS C 10 11.12 -20.34 32.23
N LYS C 11 10.91 -20.82 31.01
CA LYS C 11 11.99 -21.15 30.11
C LYS C 11 12.53 -19.92 29.37
N VAL C 12 13.86 -19.81 29.25
CA VAL C 12 14.50 -18.70 28.56
C VAL C 12 15.43 -19.18 27.44
N CYS C 13 15.19 -18.71 26.20
CA CYS C 13 16.01 -19.05 25.04
C CYS C 13 16.85 -17.82 24.69
N TYR C 14 18.11 -18.02 24.35
CA TYR C 14 19.04 -16.93 24.12
C TYR C 14 19.69 -17.08 22.75
N TYR C 15 19.72 -16.00 21.94
CA TYR C 15 20.28 -16.02 20.60
C TYR C 15 21.55 -15.24 20.51
N TYR C 16 22.59 -15.89 20.02
CA TYR C 16 23.90 -15.28 19.95
C TYR C 16 24.74 -15.97 18.91
N ASP C 17 25.46 -15.18 18.12
CA ASP C 17 26.39 -15.69 17.11
C ASP C 17 27.74 -15.12 17.51
N GLY C 18 28.73 -15.98 17.65
CA GLY C 18 30.08 -15.60 18.04
C GLY C 18 30.82 -14.60 17.17
N ASP C 19 30.33 -14.35 15.94
CA ASP C 19 31.00 -13.37 15.05
C ASP C 19 30.38 -11.95 15.16
N ILE C 20 29.24 -11.80 15.86
CA ILE C 20 28.56 -10.50 15.98
C ILE C 20 29.47 -9.39 16.50
N GLY C 21 30.31 -9.70 17.48
CA GLY C 21 31.21 -8.72 18.06
C GLY C 21 32.32 -8.23 17.16
N ASN C 22 32.53 -8.91 16.00
CA ASN C 22 33.58 -8.50 15.07
C ASN C 22 33.14 -7.44 14.05
N TYR C 23 31.82 -7.17 13.91
CA TYR C 23 31.37 -6.14 12.97
C TYR C 23 31.75 -4.76 13.49
N TYR C 24 32.28 -3.93 12.62
CA TYR C 24 32.81 -2.64 13.01
C TYR C 24 32.23 -1.50 12.20
N TYR C 25 31.49 -0.59 12.84
CA TYR C 25 30.89 0.54 12.14
C TYR C 25 31.92 1.56 11.62
N GLY C 26 33.16 1.49 12.07
CA GLY C 26 34.17 2.45 11.66
C GLY C 26 34.65 3.31 12.81
N GLN C 27 35.88 3.85 12.71
CA GLN C 27 36.43 4.68 13.77
C GLN C 27 35.59 5.93 14.07
N GLY C 28 35.43 6.19 15.36
CA GLY C 28 34.64 7.32 15.81
C GLY C 28 33.16 7.04 15.92
N HIS C 29 32.66 5.96 15.28
CA HIS C 29 31.24 5.65 15.33
C HIS C 29 30.86 5.09 16.69
N PRO C 30 29.84 5.66 17.34
CA PRO C 30 29.47 5.19 18.69
C PRO C 30 28.85 3.78 18.75
N MET C 31 28.26 3.28 17.65
CA MET C 31 27.66 1.93 17.68
C MET C 31 28.75 0.87 17.65
N LYS C 32 28.84 0.08 18.74
CA LYS C 32 29.87 -0.94 18.89
C LYS C 32 29.36 -2.33 19.12
N PRO C 33 29.24 -3.15 18.05
CA PRO C 33 28.76 -4.54 18.21
C PRO C 33 29.55 -5.40 19.22
N HIS C 34 30.80 -5.01 19.52
CA HIS C 34 31.63 -5.69 20.51
C HIS C 34 30.93 -5.71 21.89
N ARG C 35 30.04 -4.72 22.19
CA ARG C 35 29.30 -4.69 23.45
C ARG C 35 28.45 -5.97 23.64
N ILE C 36 28.03 -6.62 22.53
N ILE C 36 28.02 -6.62 22.53
CA ILE C 36 27.24 -7.85 22.59
CA ILE C 36 27.23 -7.84 22.62
C ILE C 36 28.12 -9.01 23.06
C ILE C 36 28.12 -9.01 23.06
N ARG C 37 29.37 -9.06 22.59
CA ARG C 37 30.31 -10.10 22.99
C ARG C 37 30.69 -9.88 24.47
N MET C 38 30.88 -8.60 24.90
CA MET C 38 31.17 -8.31 26.31
C MET C 38 30.03 -8.78 27.20
N THR C 39 28.77 -8.54 26.76
CA THR C 39 27.60 -8.97 27.52
C THR C 39 27.58 -10.50 27.66
N HIS C 40 27.79 -11.18 26.52
CA HIS C 40 27.79 -12.64 26.45
C HIS C 40 28.85 -13.25 27.39
N ASN C 41 30.07 -12.74 27.34
CA ASN C 41 31.14 -13.26 28.18
C ASN C 41 30.86 -13.03 29.68
N LEU C 42 30.31 -11.86 30.03
CA LEU C 42 29.97 -11.57 31.41
C LEU C 42 28.86 -12.53 31.91
N LEU C 43 27.76 -12.70 31.14
CA LEU C 43 26.68 -13.59 31.55
C LEU C 43 27.13 -15.07 31.57
N LEU C 44 28.11 -15.44 30.74
CA LEU C 44 28.66 -16.80 30.71
C LEU C 44 29.42 -17.03 32.03
N ASN C 45 30.24 -16.05 32.43
CA ASN C 45 31.05 -16.14 33.65
C ASN C 45 30.24 -16.04 34.94
N TYR C 46 29.01 -15.51 34.86
CA TYR C 46 28.11 -15.46 36.02
C TYR C 46 27.36 -16.80 36.22
N GLY C 47 27.46 -17.72 35.25
CA GLY C 47 26.80 -19.01 35.28
C GLY C 47 25.39 -18.99 34.71
N LEU C 48 25.02 -17.90 34.00
CA LEU C 48 23.68 -17.73 33.44
C LEU C 48 23.47 -18.43 32.11
N TYR C 49 24.54 -18.55 31.29
CA TYR C 49 24.53 -19.20 29.98
C TYR C 49 24.06 -20.65 30.13
N ARG C 50 24.56 -21.33 31.17
CA ARG C 50 24.23 -22.72 31.51
C ARG C 50 22.74 -22.92 31.78
N LYS C 51 22.08 -21.92 32.38
CA LYS C 51 20.65 -22.01 32.71
C LYS C 51 19.70 -21.71 31.52
N MET C 52 20.24 -21.27 30.38
CA MET C 52 19.44 -20.95 29.21
C MET C 52 19.67 -21.89 28.06
N GLU C 53 18.67 -22.00 27.15
CA GLU C 53 18.84 -22.79 25.96
C GLU C 53 19.51 -21.82 25.00
N ILE C 54 20.76 -22.09 24.62
CA ILE C 54 21.51 -21.20 23.75
C ILE C 54 21.40 -21.63 22.29
N TYR C 55 21.11 -20.68 21.40
CA TYR C 55 20.98 -20.97 19.98
C TYR C 55 21.78 -20.01 19.13
N ARG C 56 22.42 -20.52 18.08
CA ARG C 56 23.15 -19.67 17.15
C ARG C 56 22.10 -19.40 16.06
N PRO C 57 21.72 -18.13 15.87
CA PRO C 57 20.67 -17.83 14.89
C PRO C 57 21.08 -18.02 13.45
N HIS C 58 20.18 -18.56 12.66
CA HIS C 58 20.40 -18.70 11.23
C HIS C 58 20.26 -17.29 10.65
N LYS C 59 21.09 -16.94 9.68
CA LYS C 59 21.02 -15.66 9.02
C LYS C 59 19.67 -15.46 8.33
N ALA C 60 19.03 -14.31 8.55
CA ALA C 60 17.74 -14.03 7.90
C ALA C 60 18.02 -13.86 6.41
N THR C 61 17.16 -14.43 5.54
CA THR C 61 17.38 -14.27 4.10
C THR C 61 16.90 -12.91 3.63
N ALA C 62 17.39 -12.45 2.45
CA ALA C 62 16.92 -11.22 1.82
C ALA C 62 15.38 -11.32 1.61
N GLU C 63 14.88 -12.52 1.30
CA GLU C 63 13.45 -12.77 1.09
C GLU C 63 12.64 -12.54 2.37
N GLU C 64 13.14 -13.00 3.52
CA GLU C 64 12.46 -12.77 4.81
C GLU C 64 12.44 -11.24 5.08
N MET C 65 13.53 -10.55 4.76
CA MET C 65 13.60 -9.10 4.97
C MET C 65 12.63 -8.33 4.09
N THR C 66 12.34 -8.83 2.86
CA THR C 66 11.41 -8.12 1.98
C THR C 66 9.95 -8.34 2.37
N LYS C 67 9.65 -9.08 3.47
CA LYS C 67 8.25 -9.14 3.95
C LYS C 67 7.86 -7.70 4.43
N TYR C 68 8.87 -6.85 4.78
CA TYR C 68 8.62 -5.50 5.21
C TYR C 68 9.39 -4.51 4.34
N HIS C 69 10.70 -4.70 4.21
CA HIS C 69 11.51 -3.77 3.46
C HIS C 69 11.31 -3.88 1.95
N SER C 70 11.59 -2.80 1.23
CA SER C 70 11.44 -2.82 -0.23
C SER C 70 12.56 -3.67 -0.85
N ASP C 71 12.28 -4.25 -2.05
CA ASP C 71 13.28 -5.08 -2.71
C ASP C 71 14.50 -4.26 -3.09
N GLU C 72 14.29 -3.05 -3.64
CA GLU C 72 15.42 -2.22 -4.07
C GLU C 72 16.33 -1.87 -2.88
N TYR C 73 15.72 -1.63 -1.70
CA TYR C 73 16.52 -1.29 -0.51
C TYR C 73 17.37 -2.48 -0.04
N ILE C 74 16.77 -3.67 0.06
CA ILE C 74 17.50 -4.87 0.48
C ILE C 74 18.56 -5.24 -0.53
N LYS C 75 18.27 -5.07 -1.84
CA LYS C 75 19.27 -5.39 -2.87
C LYS C 75 20.47 -4.46 -2.74
N PHE C 76 20.21 -3.18 -2.44
CA PHE C 76 21.25 -2.19 -2.21
C PHE C 76 22.12 -2.63 -1.01
N LEU C 77 21.48 -3.03 0.12
CA LEU C 77 22.21 -3.47 1.31
C LEU C 77 23.07 -4.70 1.00
N ARG C 78 22.58 -5.61 0.15
CA ARG C 78 23.35 -6.81 -0.24
C ARG C 78 24.52 -6.48 -1.17
N SER C 79 24.41 -5.38 -1.91
CA SER C 79 25.41 -5.02 -2.92
C SER C 79 26.48 -4.04 -2.52
N ILE C 80 26.14 -3.04 -1.69
CA ILE C 80 27.08 -1.98 -1.29
C ILE C 80 28.27 -2.51 -0.48
N ARG C 81 29.46 -2.01 -0.80
CA ARG C 81 30.73 -2.38 -0.18
C ARG C 81 31.56 -1.11 -0.04
N PRO C 82 32.47 -1.07 0.95
CA PRO C 82 33.34 0.13 1.09
C PRO C 82 34.13 0.45 -0.18
N ASP C 83 34.49 -0.57 -0.99
CA ASP C 83 35.28 -0.30 -2.21
C ASP C 83 34.47 -0.06 -3.48
N ASN C 84 33.12 -0.05 -3.39
CA ASN C 84 32.30 0.19 -4.58
C ASN C 84 31.30 1.34 -4.39
N MET C 85 31.39 2.10 -3.26
CA MET C 85 30.48 3.22 -2.96
C MET C 85 30.28 4.24 -4.08
N SER C 86 31.32 4.54 -4.89
CA SER C 86 31.19 5.51 -5.98
C SER C 86 30.18 5.09 -7.06
N GLU C 87 29.95 3.78 -7.21
CA GLU C 87 28.97 3.28 -8.17
C GLU C 87 27.52 3.38 -7.59
N TYR C 88 27.35 3.80 -6.32
CA TYR C 88 26.04 3.86 -5.68
C TYR C 88 25.75 5.22 -4.99
N SER C 89 26.34 6.33 -5.46
CA SER C 89 26.10 7.64 -4.83
C SER C 89 24.62 8.04 -4.80
N LYS C 90 23.87 7.73 -5.86
CA LYS C 90 22.46 8.06 -5.92
C LYS C 90 21.66 7.20 -4.94
N GLN C 91 21.93 5.88 -4.89
CA GLN C 91 21.21 5.00 -3.99
C GLN C 91 21.57 5.27 -2.53
N MET C 92 22.79 5.74 -2.24
CA MET C 92 23.16 6.09 -0.85
C MET C 92 22.30 7.27 -0.37
N GLN C 93 22.04 8.24 -1.25
CA GLN C 93 21.21 9.40 -0.90
C GLN C 93 19.74 8.92 -0.76
N ARG C 94 19.28 8.06 -1.67
CA ARG C 94 17.92 7.54 -1.64
C ARG C 94 17.64 6.72 -0.36
N PHE C 95 18.60 5.90 0.06
CA PHE C 95 18.41 5.01 1.20
C PHE C 95 19.03 5.52 2.54
N ASN C 96 19.51 6.77 2.55
CA ASN C 96 20.10 7.40 3.73
C ASN C 96 21.26 6.62 4.32
N VAL C 97 22.15 6.17 3.43
CA VAL C 97 23.34 5.47 3.88
C VAL C 97 24.46 6.50 3.78
N GLY C 98 25.06 6.81 4.93
CA GLY C 98 26.11 7.81 5.01
C GLY C 98 26.77 7.88 6.38
N GLU C 99 26.70 9.03 7.08
CA GLU C 99 27.38 9.15 8.38
C GLU C 99 26.76 8.35 9.52
N ASP C 100 25.45 8.49 9.76
CA ASP C 100 24.81 7.73 10.84
C ASP C 100 24.82 6.25 10.52
N CYS C 101 24.57 5.90 9.24
CA CYS C 101 24.53 4.51 8.83
C CYS C 101 25.56 4.29 7.77
N PRO C 102 26.83 4.09 8.17
CA PRO C 102 27.89 3.92 7.17
C PRO C 102 27.94 2.56 6.49
N VAL C 103 28.73 2.50 5.42
CA VAL C 103 28.95 1.26 4.70
C VAL C 103 30.17 0.65 5.35
N PHE C 104 30.05 -0.55 5.89
CA PHE C 104 31.17 -1.24 6.51
C PHE C 104 31.24 -2.71 6.08
N ASP C 105 32.42 -3.34 6.22
CA ASP C 105 32.60 -4.74 5.86
C ASP C 105 31.63 -5.67 6.59
N GLY C 106 30.94 -6.51 5.84
CA GLY C 106 30.00 -7.45 6.42
C GLY C 106 28.67 -6.85 6.84
N LEU C 107 28.37 -5.60 6.41
CA LEU C 107 27.10 -4.93 6.74
C LEU C 107 25.87 -5.84 6.56
N PHE C 108 25.71 -6.45 5.37
CA PHE C 108 24.56 -7.31 5.12
C PHE C 108 24.51 -8.49 6.07
N GLU C 109 25.67 -9.12 6.30
CA GLU C 109 25.74 -10.25 7.23
C GLU C 109 25.36 -9.83 8.66
N PHE C 110 25.77 -8.62 9.06
CA PHE C 110 25.40 -8.08 10.39
C PHE C 110 23.86 -7.97 10.49
N CYS C 111 23.22 -7.40 9.47
CA CYS C 111 21.74 -7.28 9.45
C CYS C 111 21.09 -8.66 9.50
N GLN C 112 21.68 -9.63 8.79
CA GLN C 112 21.17 -10.99 8.75
C GLN C 112 21.20 -11.67 10.11
N LEU C 113 22.27 -11.45 10.89
CA LEU C 113 22.40 -12.08 12.20
C LEU C 113 21.52 -11.40 13.24
N SER C 114 21.50 -10.06 13.20
CA SER C 114 20.67 -9.25 14.09
C SER C 114 19.19 -9.64 13.90
N THR C 115 18.72 -9.68 12.63
CA THR C 115 17.33 -10.03 12.30
C THR C 115 17.04 -11.50 12.58
N GLY C 116 17.97 -12.37 12.21
CA GLY C 116 17.83 -13.81 12.42
C GLY C 116 17.48 -14.20 13.85
N GLY C 117 18.17 -13.57 14.80
CA GLY C 117 17.91 -13.82 16.22
C GLY C 117 16.51 -13.40 16.65
N SER C 118 16.04 -12.23 16.17
CA SER C 118 14.70 -11.74 16.53
C SER C 118 13.59 -12.60 15.94
N VAL C 119 13.69 -12.91 14.63
CA VAL C 119 12.68 -13.74 13.97
C VAL C 119 12.67 -15.15 14.57
N ALA C 120 13.88 -15.72 14.83
CA ALA C 120 13.99 -17.05 15.44
C ALA C 120 13.33 -17.07 16.82
N GLY C 121 13.50 -15.99 17.59
CA GLY C 121 12.88 -15.87 18.91
C GLY C 121 11.37 -15.84 18.79
N ALA C 122 10.86 -15.06 17.82
CA ALA C 122 9.41 -14.97 17.59
C ALA C 122 8.84 -16.34 17.20
N VAL C 123 9.53 -17.09 16.32
CA VAL C 123 9.07 -18.43 15.92
C VAL C 123 9.04 -19.36 17.14
N LYS C 124 10.08 -19.29 17.98
CA LYS C 124 10.16 -20.12 19.20
C LYS C 124 8.96 -19.84 20.12
N LEU C 125 8.59 -18.55 20.28
CA LEU C 125 7.45 -18.15 21.09
C LEU C 125 6.14 -18.61 20.44
N ASN C 126 6.01 -18.48 19.11
CA ASN C 126 4.80 -18.91 18.40
C ASN C 126 4.57 -20.42 18.59
N ARG C 127 5.66 -21.21 18.52
CA ARG C 127 5.61 -22.65 18.68
C ARG C 127 5.38 -23.12 20.12
N GLN C 128 5.32 -22.17 21.09
CA GLN C 128 5.14 -22.44 22.51
C GLN C 128 6.28 -23.31 23.07
N GLN C 129 7.49 -23.10 22.54
CA GLN C 129 8.66 -23.85 22.99
C GLN C 129 9.51 -23.07 24.00
N THR C 130 9.10 -21.83 24.37
CA THR C 130 9.77 -20.99 25.34
C THR C 130 8.81 -19.95 25.91
N ASP C 131 9.14 -19.41 27.09
CA ASP C 131 8.34 -18.36 27.69
C ASP C 131 8.97 -16.99 27.34
N MET C 132 10.32 -16.95 27.25
CA MET C 132 11.09 -15.77 26.92
C MET C 132 12.13 -16.12 25.87
N ALA C 133 12.41 -15.18 24.98
CA ALA C 133 13.43 -15.31 23.95
C ALA C 133 14.25 -14.02 24.01
N VAL C 134 15.59 -14.13 24.04
CA VAL C 134 16.44 -12.96 24.16
C VAL C 134 17.37 -12.82 22.97
N ASN C 135 17.45 -11.61 22.40
CA ASN C 135 18.36 -11.32 21.29
C ASN C 135 18.97 -9.93 21.49
N TRP C 136 20.11 -9.87 22.21
CA TRP C 136 20.75 -8.58 22.46
C TRP C 136 21.29 -7.92 21.20
N ALA C 137 21.46 -8.67 20.09
CA ALA C 137 21.93 -8.08 18.83
C ALA C 137 20.78 -7.39 18.04
N GLY C 138 19.54 -7.55 18.49
CA GLY C 138 18.40 -6.93 17.82
C GLY C 138 17.98 -5.63 18.46
N GLY C 139 16.75 -5.20 18.17
CA GLY C 139 16.22 -3.94 18.70
C GLY C 139 16.59 -2.71 17.89
N LEU C 140 16.91 -2.89 16.59
CA LEU C 140 17.31 -1.75 15.75
C LEU C 140 16.07 -1.02 15.18
N HIS C 141 15.37 -0.36 16.09
CA HIS C 141 14.09 0.26 15.91
C HIS C 141 13.95 1.44 14.93
N HIS C 142 15.05 2.05 14.41
CA HIS C 142 14.87 3.21 13.51
C HIS C 142 14.74 2.85 12.02
N ALA C 143 15.15 1.64 11.61
CA ALA C 143 15.11 1.26 10.20
C ALA C 143 13.70 1.36 9.61
N LYS C 144 13.60 1.95 8.42
CA LYS C 144 12.31 2.15 7.73
C LYS C 144 12.22 1.23 6.51
N LYS C 145 11.02 1.16 5.88
CA LYS C 145 10.81 0.27 4.72
C LYS C 145 11.90 0.38 3.66
N SER C 146 12.26 1.60 3.29
CA SER C 146 13.26 1.83 2.27
C SER C 146 14.24 2.90 2.68
N GLU C 147 14.70 2.86 3.96
CA GLU C 147 15.64 3.84 4.43
C GLU C 147 16.36 3.36 5.69
N ALA C 148 17.68 3.52 5.73
CA ALA C 148 18.48 3.24 6.91
C ALA C 148 18.32 4.49 7.79
N SER C 149 18.42 4.34 9.11
CA SER C 149 18.28 5.49 9.99
C SER C 149 18.85 5.18 11.35
N GLY C 150 19.51 6.17 11.94
CA GLY C 150 20.05 6.09 13.28
C GLY C 150 20.73 4.79 13.67
N PHE C 151 21.76 4.43 12.88
CA PHE C 151 22.58 3.24 13.04
C PHE C 151 21.89 1.93 12.72
N CYS C 152 20.61 1.95 12.29
CA CYS C 152 19.79 0.78 11.99
C CYS C 152 19.58 0.65 10.49
N TYR C 153 19.67 -0.58 9.96
CA TYR C 153 19.50 -0.77 8.52
C TYR C 153 18.31 -1.66 8.24
N VAL C 154 18.15 -2.73 9.00
CA VAL C 154 17.03 -3.65 8.83
C VAL C 154 16.24 -3.68 10.15
N ASN C 155 14.92 -3.50 10.07
CA ASN C 155 14.09 -3.47 11.25
C ASN C 155 13.76 -4.85 11.72
N ASP C 156 14.66 -5.42 12.55
CA ASP C 156 14.45 -6.77 13.08
C ASP C 156 13.19 -6.87 13.94
N ILE C 157 12.83 -5.77 14.61
CA ILE C 157 11.66 -5.75 15.48
C ILE C 157 10.38 -5.88 14.68
N VAL C 158 10.25 -5.11 13.59
CA VAL C 158 9.06 -5.20 12.74
C VAL C 158 8.95 -6.62 12.14
N LEU C 159 10.08 -7.16 11.66
CA LEU C 159 10.05 -8.53 11.11
C LEU C 159 9.65 -9.57 12.18
N ALA C 160 10.12 -9.42 13.43
CA ALA C 160 9.74 -10.35 14.50
C ALA C 160 8.27 -10.20 14.85
N ILE C 161 7.74 -8.96 14.83
CA ILE C 161 6.33 -8.72 15.16
C ILE C 161 5.44 -9.28 14.07
N LEU C 162 5.84 -9.14 12.79
CA LEU C 162 5.04 -9.74 11.69
C LEU C 162 4.97 -11.26 11.88
N GLU C 163 6.08 -11.87 12.34
CA GLU C 163 6.09 -13.30 12.63
C GLU C 163 5.16 -13.62 13.82
N LEU C 164 5.23 -12.84 14.92
CA LEU C 164 4.34 -13.07 16.07
C LEU C 164 2.86 -12.94 15.70
N LEU C 165 2.54 -12.03 14.77
CA LEU C 165 1.16 -11.78 14.32
C LEU C 165 0.49 -12.98 13.64
N LYS C 166 1.26 -13.99 13.25
CA LYS C 166 0.68 -15.19 12.64
C LYS C 166 -0.05 -16.03 13.70
N TYR C 167 0.39 -15.97 14.98
CA TYR C 167 -0.19 -16.75 16.07
C TYR C 167 -0.81 -15.91 17.19
N HIS C 168 -0.64 -14.58 17.16
CA HIS C 168 -1.16 -13.70 18.18
C HIS C 168 -1.99 -12.58 17.58
N GLN C 169 -3.25 -12.44 18.03
CA GLN C 169 -4.14 -11.39 17.53
C GLN C 169 -3.66 -9.98 17.88
N ARG C 170 -3.14 -9.82 19.10
CA ARG C 170 -2.64 -8.52 19.58
C ARG C 170 -1.24 -8.66 20.16
N VAL C 171 -0.33 -7.80 19.69
CA VAL C 171 1.05 -7.81 20.17
C VAL C 171 1.36 -6.43 20.76
N LEU C 172 2.04 -6.39 21.93
CA LEU C 172 2.40 -5.12 22.57
C LEU C 172 3.90 -4.93 22.44
N TYR C 173 4.32 -3.77 21.93
CA TYR C 173 5.73 -3.44 21.77
C TYR C 173 6.03 -2.33 22.79
N ILE C 174 7.02 -2.53 23.66
CA ILE C 174 7.43 -1.52 24.66
C ILE C 174 8.88 -1.17 24.36
N ASP C 175 9.21 0.10 24.29
CA ASP C 175 10.55 0.56 23.94
C ASP C 175 11.10 1.51 25.03
N ILE C 176 12.14 1.05 25.78
CA ILE C 176 12.75 1.88 26.84
C ILE C 176 14.12 2.44 26.43
N ASP C 177 14.44 2.42 25.12
CA ASP C 177 15.64 3.07 24.59
C ASP C 177 15.41 4.59 24.82
N ILE C 178 16.48 5.38 24.93
CA ILE C 178 16.30 6.83 25.12
C ILE C 178 15.73 7.51 23.86
N HIS C 179 15.91 6.90 22.68
CA HIS C 179 15.41 7.45 21.41
C HIS C 179 14.01 6.89 21.09
N HIS C 180 13.15 7.70 20.46
CA HIS C 180 11.79 7.26 20.08
C HIS C 180 11.89 6.07 19.11
N GLY C 181 11.06 5.03 19.30
CA GLY C 181 11.04 3.86 18.42
C GLY C 181 10.20 4.16 17.16
N ASP C 182 10.67 5.14 16.36
CA ASP C 182 9.93 5.60 15.18
C ASP C 182 9.68 4.58 14.08
N GLY C 183 10.67 3.75 13.75
CA GLY C 183 10.50 2.78 12.69
C GLY C 183 9.41 1.76 13.00
N VAL C 184 9.36 1.32 14.26
CA VAL C 184 8.36 0.34 14.72
C VAL C 184 7.00 1.01 14.80
N GLU C 185 6.96 2.23 15.37
CA GLU C 185 5.70 2.97 15.44
C GLU C 185 5.09 3.20 14.04
N GLU C 186 5.91 3.61 13.08
CA GLU C 186 5.48 3.86 11.71
C GLU C 186 4.96 2.59 11.04
N ALA C 187 5.66 1.46 11.22
CA ALA C 187 5.24 0.20 10.60
C ALA C 187 3.81 -0.20 11.00
N PHE C 188 3.44 0.04 12.28
CA PHE C 188 2.12 -0.37 12.76
C PHE C 188 1.19 0.81 13.09
N TYR C 189 1.51 2.02 12.62
CA TYR C 189 0.74 3.23 12.92
C TYR C 189 -0.73 3.14 12.65
N THR C 190 -1.12 2.38 11.60
CA THR C 190 -2.53 2.32 11.25
C THR C 190 -3.19 0.99 11.59
N THR C 191 -2.59 0.18 12.48
CA THR C 191 -3.23 -1.06 12.88
C THR C 191 -3.46 -1.11 14.38
N ASP C 192 -4.54 -1.81 14.75
CA ASP C 192 -4.85 -2.02 16.16
C ASP C 192 -4.31 -3.40 16.63
N ARG C 193 -3.69 -4.19 15.73
CA ARG C 193 -3.11 -5.48 16.07
C ARG C 193 -1.75 -5.37 16.77
N VAL C 194 -1.15 -4.18 16.77
CA VAL C 194 0.08 -3.90 17.48
C VAL C 194 -0.08 -2.58 18.23
N MET C 195 0.21 -2.57 19.54
CA MET C 195 0.22 -1.32 20.30
C MET C 195 1.68 -1.00 20.53
N THR C 196 2.13 0.20 20.17
CA THR C 196 3.54 0.57 20.39
C THR C 196 3.61 1.59 21.53
N VAL C 197 4.49 1.37 22.49
CA VAL C 197 4.62 2.28 23.64
C VAL C 197 6.08 2.69 23.76
N SER C 198 6.37 3.97 23.64
CA SER C 198 7.74 4.44 23.69
C SER C 198 7.91 5.50 24.79
N PHE C 199 8.94 5.35 25.62
CA PHE C 199 9.33 6.28 26.69
C PHE C 199 10.67 6.79 26.16
N HIS C 200 10.79 8.10 25.90
CA HIS C 200 12.01 8.62 25.28
C HIS C 200 12.25 10.09 25.52
N LYS C 201 13.49 10.52 25.32
CA LYS C 201 13.83 11.93 25.41
C LYS C 201 13.20 12.61 24.18
N TYR C 202 12.52 13.74 24.40
CA TYR C 202 11.86 14.48 23.32
C TYR C 202 12.19 15.97 23.43
N GLY C 203 12.55 16.58 22.30
CA GLY C 203 12.91 18.00 22.23
C GLY C 203 14.39 18.17 21.94
N GLU C 204 14.74 18.70 20.74
CA GLU C 204 16.15 18.88 20.29
C GLU C 204 16.90 17.56 20.43
N TYR C 205 16.29 16.48 19.93
CA TYR C 205 16.89 15.16 20.07
C TYR C 205 16.38 14.25 18.97
N PHE C 206 17.29 13.45 18.43
CA PHE C 206 16.98 12.49 17.37
C PHE C 206 15.94 11.48 17.87
N PRO C 207 15.00 11.03 17.01
CA PRO C 207 14.76 11.42 15.61
C PRO C 207 13.80 12.60 15.41
N GLY C 208 13.41 13.28 16.49
CA GLY C 208 12.51 14.43 16.39
C GLY C 208 11.04 14.09 16.45
N THR C 209 10.72 12.80 16.57
CA THR C 209 9.33 12.31 16.60
C THR C 209 8.93 11.73 17.98
N GLY C 210 7.69 11.27 18.11
CA GLY C 210 7.22 10.69 19.36
C GLY C 210 6.66 11.76 20.26
N ASP C 211 5.91 12.70 19.68
CA ASP C 211 5.25 13.74 20.42
C ASP C 211 4.08 13.13 21.20
N LEU C 212 3.65 13.81 22.27
CA LEU C 212 2.50 13.37 23.07
C LEU C 212 1.24 13.18 22.18
N ARG C 213 1.07 14.00 21.15
CA ARG C 213 -0.08 13.97 20.24
C ARG C 213 -0.06 12.87 19.18
N ASP C 214 1.08 12.15 19.05
CA ASP C 214 1.18 11.08 18.06
C ASP C 214 0.58 9.84 18.68
N ILE C 215 -0.70 9.58 18.39
CA ILE C 215 -1.44 8.46 18.97
C ILE C 215 -1.91 7.41 17.96
N GLY C 216 -1.49 7.51 16.70
CA GLY C 216 -1.90 6.54 15.69
C GLY C 216 -2.92 7.11 14.73
N ALA C 217 -3.26 6.35 13.66
CA ALA C 217 -4.26 6.82 12.68
C ALA C 217 -5.11 5.64 12.16
N GLY C 218 -6.30 5.94 11.62
CA GLY C 218 -7.21 4.91 11.14
C GLY C 218 -7.58 3.97 12.25
N LYS C 219 -7.61 2.65 11.97
CA LYS C 219 -7.90 1.66 13.03
C LYS C 219 -6.84 1.70 14.17
N GLY C 220 -5.66 2.25 13.91
CA GLY C 220 -4.59 2.34 14.89
C GLY C 220 -4.68 3.57 15.77
N LYS C 221 -5.77 4.37 15.65
CA LYS C 221 -5.92 5.57 16.51
C LYS C 221 -6.08 5.10 17.95
N TYR C 222 -5.25 5.63 18.85
CA TYR C 222 -5.12 5.29 20.27
C TYR C 222 -4.22 4.05 20.50
N TYR C 223 -3.64 3.46 19.43
CA TYR C 223 -2.78 2.30 19.56
C TYR C 223 -1.28 2.62 19.47
N ALA C 224 -0.91 3.91 19.51
CA ALA C 224 0.48 4.33 19.57
C ALA C 224 0.51 5.24 20.81
N VAL C 225 1.44 4.98 21.72
CA VAL C 225 1.57 5.72 22.99
C VAL C 225 2.98 6.29 23.08
N ASN C 226 3.10 7.58 23.37
CA ASN C 226 4.41 8.21 23.48
C ASN C 226 4.50 8.98 24.77
N PHE C 227 5.58 8.77 25.53
CA PHE C 227 5.81 9.47 26.77
C PHE C 227 7.06 10.28 26.55
N PRO C 228 6.90 11.54 26.11
CA PRO C 228 8.07 12.38 25.88
C PRO C 228 8.65 12.86 27.23
N MET C 229 9.97 12.76 27.36
CA MET C 229 10.68 13.10 28.60
C MET C 229 11.78 14.11 28.36
N ARG C 230 12.19 14.79 29.44
CA ARG C 230 13.29 15.75 29.41
C ARG C 230 14.54 15.07 30.03
N ASP C 231 15.70 15.75 30.00
CA ASP C 231 16.93 15.20 30.57
C ASP C 231 16.83 14.84 32.06
N GLY C 232 17.71 13.95 32.49
CA GLY C 232 17.89 13.59 33.88
C GLY C 232 16.85 12.79 34.61
N ILE C 233 15.91 12.14 33.90
CA ILE C 233 14.92 11.30 34.61
C ILE C 233 15.62 10.22 35.45
N ASP C 234 15.14 9.98 36.68
CA ASP C 234 15.80 9.03 37.58
C ASP C 234 14.95 7.77 37.82
N ASP C 235 15.51 6.80 38.55
CA ASP C 235 14.82 5.54 38.87
C ASP C 235 13.44 5.73 39.45
N GLU C 236 13.32 6.60 40.47
CA GLU C 236 12.04 6.87 41.12
C GLU C 236 11.00 7.45 40.15
N SER C 237 11.34 8.52 39.43
CA SER C 237 10.39 9.16 38.51
C SER C 237 10.01 8.25 37.34
N TYR C 238 10.98 7.51 36.81
CA TYR C 238 10.73 6.62 35.67
C TYR C 238 9.84 5.46 36.11
N GLY C 239 10.15 4.86 37.25
CA GLY C 239 9.40 3.74 37.79
C GLY C 239 7.97 4.10 38.14
N GLN C 240 7.76 5.36 38.59
CA GLN C 240 6.44 5.87 38.95
C GLN C 240 5.51 6.08 37.74
N ILE C 241 6.06 6.10 36.51
CA ILE C 241 5.21 6.25 35.34
C ILE C 241 5.17 4.94 34.54
N PHE C 242 6.29 4.19 34.49
CA PHE C 242 6.34 2.95 33.74
C PHE C 242 5.30 1.91 34.22
N LYS C 243 5.31 1.57 35.52
CA LYS C 243 4.36 0.58 36.03
C LYS C 243 2.88 1.01 35.83
N PRO C 244 2.44 2.22 36.27
CA PRO C 244 1.02 2.59 36.04
C PRO C 244 0.61 2.60 34.57
N ILE C 245 1.47 3.15 33.67
CA ILE C 245 1.15 3.17 32.23
C ILE C 245 1.06 1.75 31.66
N ILE C 246 2.09 0.92 31.88
CA ILE C 246 2.09 -0.44 31.36
C ILE C 246 0.93 -1.27 31.94
N SER C 247 0.60 -1.08 33.23
CA SER C 247 -0.53 -1.81 33.82
C SER C 247 -1.86 -1.42 33.14
N LYS C 248 -2.05 -0.12 32.85
CA LYS C 248 -3.28 0.34 32.18
C LYS C 248 -3.31 -0.20 30.75
N VAL C 249 -2.15 -0.19 30.05
CA VAL C 249 -2.05 -0.75 28.71
C VAL C 249 -2.43 -2.27 28.74
N MET C 250 -1.87 -3.04 29.67
CA MET C 250 -2.16 -4.48 29.79
C MET C 250 -3.65 -4.72 30.01
N GLU C 251 -4.25 -3.93 30.90
CA GLU C 251 -5.67 -4.03 31.22
C GLU C 251 -6.59 -3.73 30.02
N MET C 252 -6.35 -2.60 29.32
CA MET C 252 -7.15 -2.15 28.18
C MET C 252 -6.88 -2.92 26.89
N TYR C 253 -5.62 -3.21 26.60
CA TYR C 253 -5.25 -3.86 25.34
C TYR C 253 -5.26 -5.39 25.39
N GLN C 254 -4.94 -5.99 26.55
CA GLN C 254 -4.90 -7.45 26.71
C GLN C 254 -4.10 -8.17 25.59
N PRO C 255 -2.81 -7.83 25.42
CA PRO C 255 -2.03 -8.49 24.38
C PRO C 255 -1.71 -9.96 24.70
N SER C 256 -1.45 -10.77 23.67
CA SER C 256 -1.08 -12.17 23.91
C SER C 256 0.42 -12.42 23.75
N ALA C 257 1.20 -11.41 23.35
CA ALA C 257 2.66 -11.50 23.24
C ALA C 257 3.24 -10.09 23.43
N VAL C 258 4.46 -10.02 23.96
CA VAL C 258 5.10 -8.73 24.21
C VAL C 258 6.50 -8.71 23.66
N VAL C 259 6.91 -7.59 23.06
CA VAL C 259 8.26 -7.39 22.55
C VAL C 259 8.79 -6.19 23.32
N LEU C 260 9.89 -6.37 24.04
CA LEU C 260 10.47 -5.30 24.84
C LEU C 260 11.86 -4.97 24.33
N GLN C 261 12.03 -3.75 23.84
CA GLN C 261 13.30 -3.24 23.31
C GLN C 261 13.97 -2.61 24.55
N CYS C 262 15.11 -3.17 24.97
CA CYS C 262 15.84 -2.78 26.17
C CYS C 262 17.06 -1.90 25.93
N GLY C 263 16.92 -0.90 25.06
CA GLY C 263 18.00 0.04 24.73
C GLY C 263 18.62 0.61 26.00
N ALA C 264 19.92 0.35 26.18
CA ALA C 264 20.65 0.75 27.39
C ALA C 264 21.19 2.18 27.38
N ASP C 265 20.84 2.98 26.36
CA ASP C 265 21.26 4.36 26.29
C ASP C 265 20.43 5.28 27.22
N SER C 266 19.41 4.73 27.90
CA SER C 266 18.62 5.44 28.89
C SER C 266 19.33 5.37 30.29
N LEU C 267 20.52 4.72 30.39
CA LEU C 267 21.26 4.64 31.66
C LEU C 267 22.08 5.88 31.88
N SER C 268 22.33 6.20 33.17
CA SER C 268 23.19 7.30 33.59
C SER C 268 24.61 7.01 33.01
N GLY C 269 25.30 8.05 32.56
CA GLY C 269 26.64 7.89 32.02
C GLY C 269 26.75 7.45 30.58
N ASP C 270 25.61 7.37 29.85
CA ASP C 270 25.67 6.96 28.43
C ASP C 270 26.32 8.06 27.58
N ARG C 271 27.16 7.67 26.60
CA ARG C 271 27.84 8.63 25.73
C ARG C 271 26.90 9.54 24.91
N LEU C 272 25.75 9.00 24.48
CA LEU C 272 24.80 9.79 23.70
C LEU C 272 23.55 10.18 24.48
N GLY C 273 23.20 9.41 25.50
CA GLY C 273 22.01 9.63 26.31
C GLY C 273 22.17 10.59 27.46
N CYS C 274 21.06 11.20 27.88
CA CYS C 274 21.02 12.16 28.96
C CYS C 274 19.99 11.83 30.05
N PHE C 275 19.74 10.53 30.27
CA PHE C 275 18.85 10.07 31.32
C PHE C 275 19.74 9.66 32.54
N ASN C 276 19.12 9.40 33.71
CA ASN C 276 19.90 9.09 34.91
C ASN C 276 19.47 7.80 35.58
N LEU C 277 19.09 6.79 34.80
CA LEU C 277 18.69 5.51 35.36
C LEU C 277 19.88 4.67 35.76
N THR C 278 19.69 3.81 36.75
CA THR C 278 20.71 2.83 37.13
C THR C 278 20.32 1.52 36.42
N VAL C 279 21.18 0.49 36.47
CA VAL C 279 20.87 -0.82 35.89
C VAL C 279 19.61 -1.39 36.58
N LYS C 280 19.48 -1.19 37.90
CA LYS C 280 18.30 -1.65 38.62
C LYS C 280 17.03 -0.92 38.18
N GLY C 281 17.14 0.37 37.93
CA GLY C 281 16.00 1.16 37.48
C GLY C 281 15.55 0.77 36.09
N HIS C 282 16.52 0.47 35.21
CA HIS C 282 16.26 0.03 33.84
C HIS C 282 15.65 -1.39 33.90
N ALA C 283 16.27 -2.31 34.67
CA ALA C 283 15.80 -3.71 34.80
C ALA C 283 14.45 -3.83 35.46
N LYS C 284 14.02 -2.80 36.24
CA LYS C 284 12.69 -2.80 36.86
C LYS C 284 11.60 -2.91 35.75
N CYS C 285 11.88 -2.35 34.54
CA CYS C 285 10.97 -2.44 33.41
C CYS C 285 10.76 -3.90 32.99
N VAL C 286 11.86 -4.69 32.96
CA VAL C 286 11.77 -6.10 32.61
C VAL C 286 10.94 -6.85 33.68
N GLU C 287 11.19 -6.53 34.95
CA GLU C 287 10.49 -7.14 36.08
C GLU C 287 8.99 -6.88 36.00
N VAL C 288 8.58 -5.63 35.74
CA VAL C 288 7.17 -5.28 35.63
C VAL C 288 6.51 -6.04 34.48
N VAL C 289 7.15 -6.04 33.30
CA VAL C 289 6.61 -6.76 32.15
C VAL C 289 6.44 -8.27 32.44
N LYS C 290 7.41 -8.87 33.14
CA LYS C 290 7.35 -10.28 33.49
C LYS C 290 6.13 -10.67 34.36
N THR C 291 5.66 -9.77 35.24
CA THR C 291 4.51 -10.04 36.11
C THR C 291 3.21 -10.36 35.36
N PHE C 292 3.11 -9.99 34.09
CA PHE C 292 1.90 -10.28 33.31
C PHE C 292 1.85 -11.70 32.71
N ASN C 293 2.95 -12.47 32.83
CA ASN C 293 3.07 -13.85 32.37
C ASN C 293 2.69 -14.05 30.90
N LEU C 294 3.24 -13.21 30.00
CA LEU C 294 2.95 -13.34 28.59
C LEU C 294 4.21 -13.74 27.82
N PRO C 295 4.09 -14.45 26.66
CA PRO C 295 5.28 -14.74 25.84
C PRO C 295 6.03 -13.42 25.58
N LEU C 296 7.34 -13.41 25.83
CA LEU C 296 8.12 -12.19 25.76
C LEU C 296 9.40 -12.30 24.96
N LEU C 297 9.58 -11.35 24.03
CA LEU C 297 10.78 -11.30 23.22
C LEU C 297 11.55 -10.08 23.72
N MET C 298 12.74 -10.28 24.31
CA MET C 298 13.54 -9.19 24.83
C MET C 298 14.65 -8.91 23.84
N LEU C 299 14.78 -7.66 23.41
CA LEU C 299 15.76 -7.26 22.41
C LEU C 299 16.68 -6.16 22.93
N GLY C 300 17.82 -5.98 22.27
CA GLY C 300 18.75 -4.91 22.62
C GLY C 300 18.35 -3.59 22.02
N GLY C 301 19.34 -2.82 21.59
CA GLY C 301 19.09 -1.52 20.98
C GLY C 301 20.29 -0.64 21.20
N GLY C 302 20.04 0.60 21.58
CA GLY C 302 21.11 1.56 21.86
C GLY C 302 21.89 1.20 23.11
N GLY C 303 22.90 2.00 23.40
CA GLY C 303 23.78 1.78 24.55
C GLY C 303 25.18 2.05 24.03
N TYR C 304 25.79 3.16 24.47
CA TYR C 304 27.06 3.61 23.91
C TYR C 304 28.23 3.73 24.92
N THR C 305 28.00 3.43 26.21
CA THR C 305 29.08 3.35 27.22
C THR C 305 29.06 1.84 27.41
N ILE C 306 29.81 1.12 26.55
CA ILE C 306 29.74 -0.32 26.42
C ILE C 306 29.95 -1.13 27.71
N ARG C 307 30.76 -0.67 28.67
CA ARG C 307 30.91 -1.42 29.93
C ARG C 307 29.57 -1.42 30.71
N ASN C 308 28.77 -0.33 30.59
CA ASN C 308 27.47 -0.25 31.26
C ASN C 308 26.40 -1.04 30.52
N VAL C 309 26.54 -1.17 29.19
CA VAL C 309 25.61 -1.98 28.39
C VAL C 309 25.80 -3.43 28.80
N ALA C 310 27.06 -3.89 28.93
CA ALA C 310 27.33 -5.27 29.35
C ALA C 310 26.73 -5.54 30.73
N ARG C 311 26.84 -4.60 31.66
CA ARG C 311 26.27 -4.76 32.99
C ARG C 311 24.74 -4.82 32.92
N CYS C 312 24.12 -3.90 32.17
CA CYS C 312 22.67 -3.82 32.02
C CYS C 312 22.05 -5.08 31.43
N TRP C 313 22.54 -5.54 30.27
CA TRP C 313 21.95 -6.70 29.63
C TRP C 313 22.28 -8.01 30.37
N THR C 314 23.42 -8.06 31.09
CA THR C 314 23.73 -9.26 31.91
C THR C 314 22.70 -9.33 33.03
N TYR C 315 22.43 -8.19 33.70
CA TYR C 315 21.47 -8.16 34.79
C TYR C 315 20.05 -8.44 34.30
N GLU C 316 19.68 -7.91 33.13
CA GLU C 316 18.36 -8.18 32.57
C GLU C 316 18.21 -9.64 32.13
N THR C 317 19.32 -10.31 31.75
CA THR C 317 19.26 -11.73 31.42
C THR C 317 18.99 -12.50 32.75
N ALA C 318 19.66 -12.10 33.85
CA ALA C 318 19.48 -12.70 35.18
C ALA C 318 18.04 -12.49 35.64
N VAL C 319 17.44 -11.31 35.36
CA VAL C 319 16.05 -11.00 35.71
C VAL C 319 15.13 -11.96 34.93
N ALA C 320 15.38 -12.14 33.61
CA ALA C 320 14.57 -13.07 32.81
C ALA C 320 14.62 -14.49 33.39
N LEU C 321 15.80 -14.90 33.87
CA LEU C 321 15.99 -16.22 34.46
C LEU C 321 15.53 -16.29 35.94
N ASP C 322 15.16 -15.14 36.56
CA ASP C 322 14.77 -15.05 37.97
C ASP C 322 15.91 -15.61 38.86
N CYS C 323 17.15 -15.30 38.48
CA CYS C 323 18.34 -15.76 39.20
CA CYS C 323 18.34 -15.75 39.19
C CYS C 323 19.06 -14.56 39.79
N GLU C 324 19.17 -14.52 41.13
CA GLU C 324 19.88 -13.42 41.78
C GLU C 324 21.37 -13.60 41.48
N ILE C 325 22.06 -12.51 41.10
CA ILE C 325 23.49 -12.57 40.84
C ILE C 325 24.24 -11.57 41.73
N PRO C 326 25.42 -11.94 42.24
CA PRO C 326 26.14 -11.01 43.13
C PRO C 326 26.64 -9.73 42.47
N ASN C 327 26.77 -8.66 43.26
CA ASN C 327 27.25 -7.38 42.78
C ASN C 327 28.75 -7.47 42.37
N GLU C 328 29.49 -8.43 42.94
CA GLU C 328 30.90 -8.60 42.61
C GLU C 328 30.98 -9.30 41.27
N LEU C 329 31.55 -8.62 40.25
CA LEU C 329 31.67 -9.22 38.93
C LEU C 329 32.57 -10.43 38.96
N PRO C 330 32.20 -11.51 38.27
CA PRO C 330 33.08 -12.66 38.23
C PRO C 330 34.25 -12.32 37.30
N TYR C 331 35.26 -13.19 37.30
CA TYR C 331 36.39 -13.02 36.41
C TYR C 331 35.87 -13.26 34.98
N ASN C 332 36.34 -12.48 34.01
CA ASN C 332 35.91 -12.61 32.62
C ASN C 332 36.98 -12.05 31.67
N ASP C 333 36.82 -12.28 30.35
CA ASP C 333 37.73 -11.84 29.30
C ASP C 333 37.91 -10.33 29.22
N TYR C 334 37.00 -9.55 29.82
CA TYR C 334 37.07 -8.08 29.78
C TYR C 334 37.09 -7.47 31.17
N PHE C 335 37.52 -8.24 32.19
CA PHE C 335 37.56 -7.82 33.59
C PHE C 335 38.12 -6.43 33.81
N GLU C 336 39.27 -6.13 33.19
CA GLU C 336 39.96 -4.85 33.30
C GLU C 336 39.08 -3.65 32.92
N TYR C 337 38.15 -3.83 31.95
CA TYR C 337 37.24 -2.77 31.49
C TYR C 337 36.29 -2.27 32.60
N PHE C 338 36.06 -3.08 33.63
CA PHE C 338 35.14 -2.73 34.71
C PHE C 338 35.80 -2.14 35.96
N GLY C 339 37.08 -1.79 35.87
CA GLY C 339 37.82 -1.21 36.98
C GLY C 339 37.45 0.22 37.31
N PRO C 340 37.85 0.74 38.49
CA PRO C 340 38.67 0.11 39.53
C PRO C 340 37.90 -0.67 40.59
N ASP C 341 36.55 -0.60 40.60
CA ASP C 341 35.75 -1.28 41.63
C ASP C 341 35.21 -2.65 41.21
N PHE C 342 35.11 -2.91 39.90
CA PHE C 342 34.66 -4.20 39.38
C PHE C 342 33.29 -4.68 39.90
N LYS C 343 32.29 -3.78 39.96
CA LYS C 343 30.93 -4.15 40.43
C LYS C 343 29.91 -4.16 39.28
N LEU C 344 28.79 -4.85 39.46
CA LEU C 344 27.75 -4.93 38.44
C LEU C 344 26.88 -3.67 38.42
N HIS C 345 26.54 -3.16 39.59
CA HIS C 345 25.67 -2.00 39.68
C HIS C 345 26.42 -0.67 39.70
N ILE C 346 25.87 0.33 39.02
CA ILE C 346 26.44 1.66 38.92
C ILE C 346 25.63 2.64 39.78
N SER C 347 26.28 3.72 40.20
CA SER C 347 25.59 4.75 40.99
C SER C 347 25.09 5.82 40.02
N PRO C 348 23.89 6.38 40.25
CA PRO C 348 23.44 7.46 39.34
C PRO C 348 24.32 8.69 39.52
N SER C 349 24.29 9.59 38.54
CA SER C 349 25.06 10.83 38.61
C SER C 349 24.25 11.88 39.42
N ASN C 350 24.83 13.08 39.60
CA ASN C 350 24.13 14.15 40.32
C ASN C 350 23.43 15.12 39.34
N MET C 351 23.24 14.72 38.06
CA MET C 351 22.58 15.57 37.08
C MET C 351 21.16 15.92 37.52
N THR C 352 20.72 17.11 37.16
CA THR C 352 19.40 17.60 37.52
C THR C 352 18.28 16.91 36.72
N ASN C 353 17.23 16.44 37.41
CA ASN C 353 16.09 15.82 36.74
C ASN C 353 15.23 16.98 36.23
N GLN C 354 15.19 17.18 34.91
CA GLN C 354 14.42 18.28 34.33
C GLN C 354 12.92 17.99 34.17
N ASN C 355 12.48 16.79 34.56
CA ASN C 355 11.07 16.43 34.47
C ASN C 355 10.45 16.79 35.81
N THR C 356 9.71 17.90 35.87
CA THR C 356 9.09 18.30 37.12
C THR C 356 7.93 17.34 37.46
N PRO C 357 7.56 17.21 38.74
CA PRO C 357 6.39 16.39 39.09
C PRO C 357 5.13 16.87 38.33
N GLU C 358 4.98 18.19 38.15
CA GLU C 358 3.82 18.73 37.42
C GLU C 358 3.78 18.21 35.97
N TYR C 359 4.94 18.23 35.31
CA TYR C 359 5.08 17.80 33.92
C TYR C 359 4.74 16.31 33.80
N MET C 360 5.37 15.47 34.63
CA MET C 360 5.15 14.03 34.60
C MET C 360 3.68 13.67 34.82
N GLU C 361 3.03 14.36 35.77
CA GLU C 361 1.62 14.10 36.05
C GLU C 361 0.73 14.50 34.86
N LYS C 362 1.05 15.58 34.17
CA LYS C 362 0.29 16.07 33.01
C LYS C 362 0.35 15.03 31.87
N ILE C 363 1.56 14.50 31.60
CA ILE C 363 1.72 13.51 30.54
C ILE C 363 1.00 12.22 30.92
N LYS C 364 1.21 11.74 32.17
CA LYS C 364 0.55 10.51 32.62
C LYS C 364 -0.98 10.64 32.52
N GLN C 365 -1.54 11.80 32.91
CA GLN C 365 -2.99 11.97 32.82
C GLN C 365 -3.48 11.93 31.37
N ARG C 366 -2.75 12.55 30.47
CA ARG C 366 -3.11 12.53 29.04
C ARG C 366 -3.08 11.10 28.51
N LEU C 367 -2.06 10.31 28.87
CA LEU C 367 -1.96 8.93 28.39
C LEU C 367 -3.10 8.09 28.93
N PHE C 368 -3.47 8.29 30.19
CA PHE C 368 -4.58 7.56 30.78
C PHE C 368 -5.89 7.91 30.07
N GLU C 369 -6.06 9.19 29.68
CA GLU C 369 -7.24 9.65 28.94
C GLU C 369 -7.27 8.92 27.57
N ASN C 370 -6.12 8.86 26.88
CA ASN C 370 -6.04 8.19 25.57
C ASN C 370 -6.33 6.70 25.70
N LEU C 371 -5.81 6.05 26.76
CA LEU C 371 -6.01 4.63 27.01
C LEU C 371 -7.48 4.30 27.30
N ARG C 372 -8.24 5.25 27.86
N ARG C 372 -8.24 5.24 27.85
CA ARG C 372 -9.66 5.03 28.11
CA ARG C 372 -9.67 5.04 28.11
C ARG C 372 -10.50 5.08 26.80
C ARG C 372 -10.47 5.03 26.79
N MET C 373 -9.93 5.62 25.70
CA MET C 373 -10.59 5.67 24.40
C MET C 373 -10.58 4.32 23.66
N LEU C 374 -9.85 3.31 24.17
CA LEU C 374 -9.79 1.97 23.60
C LEU C 374 -11.13 1.25 23.84
N PRO C 375 -11.53 0.30 22.96
CA PRO C 375 -12.79 -0.41 23.19
C PRO C 375 -12.69 -1.34 24.39
N HIS C 376 -13.74 -1.40 25.21
CA HIS C 376 -13.75 -2.25 26.41
C HIS C 376 -15.15 -2.84 26.63
#